data_5IQE
#
_entry.id   5IQE
#
_cell.length_a   90.180
_cell.length_b   100.360
_cell.length_c   93.940
_cell.angle_alpha   90.00
_cell.angle_beta   105.30
_cell.angle_gamma   90.00
#
_symmetry.space_group_name_H-M   'P 1 21 1'
#
loop_
_entity.id
_entity.type
_entity.pdbx_description
1 polymer 'Bifunctional AAC/APH'
2 non-polymer 'PHOSPHOAMINOPHOSPHONIC ACID-GUANYLATE ESTER'
3 non-polymer NEOMYCIN
4 non-polymer 'MAGNESIUM ION'
5 non-polymer GLYCEROL
6 water water
#
_entity_poly.entity_id   1
_entity_poly.type   'polypeptide(L)'
_entity_poly.pdbx_seq_one_letter_code
;MEYRYDDNATNVKAMKYLIEHYFDNFKVDSIEIIGSGYDSVAYLVNNEYIFKTKFSTNKKKGYAKEKAIYNFLNTNLETN
VKIPNIEYSYISDELSILGYKEIKGTFLTPEIYSTMSEEEQNLLKRDIASFLRQMHGLDYTDISECTIDNKQNVLEEYIL
LRETIYNDLTDIEKDYIESFMERLNATTVFEGKKCLCHNDFSCNHLLLDGNNRLTGIIDFGDSGIIDEYCDFIYLLEDSE
EEIGTNFGEDILRMYGNIDIEKAKEYQDIVEEYYPIETIVYGIKNIKQEFIENGRKEIYKRTYKD
;
_entity_poly.pdbx_strand_id   A,B,C,D
#
loop_
_chem_comp.id
_chem_comp.type
_chem_comp.name
_chem_comp.formula
GNP non-polymer 'PHOSPHOAMINOPHOSPHONIC ACID-GUANYLATE ESTER' 'C10 H17 N6 O13 P3'
GOL non-polymer GLYCEROL 'C3 H8 O3'
MG non-polymer 'MAGNESIUM ION' 'Mg 2'
NMY non-polymer NEOMYCIN 'C23 H46 N6 O13'
#
# COMPACT_ATOMS: atom_id res chain seq x y z
N ASN A 8 7.73 15.01 22.38
CA ASN A 8 6.23 15.07 22.25
C ASN A 8 5.79 15.92 21.09
N ALA A 9 6.15 17.21 21.14
CA ALA A 9 5.77 18.20 20.11
C ALA A 9 6.13 17.78 18.68
N THR A 10 7.32 17.21 18.48
CA THR A 10 7.79 16.87 17.14
C THR A 10 7.16 15.60 16.57
N ASN A 11 7.04 14.55 17.40
CA ASN A 11 6.43 13.28 16.97
C ASN A 11 5.04 13.51 16.45
N VAL A 12 4.33 14.34 17.19
CA VAL A 12 3.00 14.66 16.86
C VAL A 12 2.89 15.36 15.50
N LYS A 13 3.77 16.33 15.22
CA LYS A 13 3.67 17.13 13.97
C LYS A 13 3.85 16.26 12.76
N ALA A 14 4.84 15.41 12.85
CA ALA A 14 5.11 14.43 11.79
C ALA A 14 3.92 13.51 11.56
N MET A 15 3.31 12.98 12.62
CA MET A 15 2.20 12.02 12.43
C MET A 15 0.99 12.77 11.93
N LYS A 16 0.79 13.97 12.44
CA LYS A 16 -0.26 14.82 11.88
C LYS A 16 -0.07 15.06 10.37
N TYR A 17 1.16 15.25 9.95
CA TYR A 17 1.44 15.42 8.54
C TYR A 17 1.10 14.15 7.76
N LEU A 18 1.54 13.01 8.27
CA LEU A 18 1.30 11.72 7.59
C LEU A 18 -0.16 11.40 7.48
N ILE A 19 -0.89 11.63 8.56
CA ILE A 19 -2.34 11.40 8.53
C ILE A 19 -3.03 12.27 7.47
N GLU A 20 -2.71 13.56 7.43
CA GLU A 20 -3.35 14.45 6.46
C GLU A 20 -2.91 14.13 5.05
N HIS A 21 -1.70 13.59 4.91
CA HIS A 21 -1.13 13.27 3.61
C HIS A 21 -1.77 12.02 3.04
N TYR A 22 -1.85 10.98 3.84
CA TYR A 22 -2.41 9.70 3.36
C TYR A 22 -3.94 9.64 3.33
N PHE A 23 -4.60 10.42 4.18
CA PHE A 23 -6.06 10.39 4.23
C PHE A 23 -6.56 11.70 3.73
N ASP A 24 -6.75 11.70 2.41
CA ASP A 24 -7.10 12.86 1.57
C ASP A 24 -7.75 14.06 2.28
N ASN A 25 -8.97 13.92 2.80
CA ASN A 25 -9.70 15.06 3.34
C ASN A 25 -9.86 14.93 4.83
N PHE A 26 -8.85 14.41 5.52
CA PHE A 26 -8.86 14.36 6.98
C PHE A 26 -8.14 15.56 7.56
N LYS A 27 -8.80 16.29 8.45
CA LYS A 27 -8.21 17.48 9.07
C LYS A 27 -7.94 17.24 10.54
N VAL A 28 -6.69 17.31 10.93
CA VAL A 28 -6.31 17.13 12.31
C VAL A 28 -6.40 18.44 13.05
N ASP A 29 -7.42 18.61 13.88
CA ASP A 29 -7.54 19.78 14.76
C ASP A 29 -6.76 19.59 16.07
N SER A 30 -6.59 18.36 16.51
CA SER A 30 -5.84 18.08 17.73
C SER A 30 -5.30 16.67 17.69
N ILE A 31 -4.21 16.45 18.39
CA ILE A 31 -3.52 15.18 18.33
C ILE A 31 -2.58 15.04 19.51
N GLU A 32 -2.72 13.96 20.26
CA GLU A 32 -1.84 13.67 21.37
C GLU A 32 -1.50 12.19 21.39
N ILE A 33 -0.36 11.88 21.99
CA ILE A 33 0.05 10.51 22.20
C ILE A 33 -0.78 9.91 23.34
N ILE A 34 -1.42 8.77 23.08
CA ILE A 34 -2.28 8.12 24.06
C ILE A 34 -1.68 6.80 24.54
N GLY A 35 -0.86 6.20 23.72
CA GLY A 35 0.00 5.12 24.18
C GLY A 35 1.11 4.79 23.21
N SER A 36 1.98 3.90 23.63
CA SER A 36 3.10 3.48 22.78
C SER A 36 3.70 2.14 23.22
N GLY A 37 3.99 1.28 22.24
CA GLY A 37 4.77 0.09 22.49
C GLY A 37 6.24 0.38 22.28
N TYR A 38 7.02 -0.68 22.09
CA TYR A 38 8.42 -0.50 21.85
C TYR A 38 8.69 -0.22 20.40
N ASP A 39 7.72 -0.48 19.56
CA ASP A 39 7.87 -0.13 18.17
C ASP A 39 6.57 0.30 17.49
N SER A 40 5.70 0.91 18.27
CA SER A 40 4.51 1.49 17.73
C SER A 40 4.14 2.68 18.59
N VAL A 41 3.33 3.56 18.02
CA VAL A 41 2.83 4.69 18.74
C VAL A 41 1.38 4.88 18.40
N ALA A 42 0.58 5.11 19.43
CA ALA A 42 -0.82 5.40 19.23
C ALA A 42 -1.19 6.81 19.64
N TYR A 43 -2.10 7.39 18.85
CA TYR A 43 -2.49 8.78 18.94
C TYR A 43 -3.99 8.97 19.08
N LEU A 44 -4.41 9.92 19.92
CA LEU A 44 -5.80 10.33 19.97
C LEU A 44 -5.94 11.61 19.19
N VAL A 45 -6.82 11.58 18.20
CA VAL A 45 -6.92 12.65 17.21
C VAL A 45 -8.32 13.25 17.22
N ASN A 46 -8.39 14.57 17.29
CA ASN A 46 -9.65 15.31 17.39
C ASN A 46 -10.54 14.86 18.54
N ASN A 47 -9.92 14.30 19.58
CA ASN A 47 -10.60 13.72 20.71
C ASN A 47 -11.65 12.67 20.35
N GLU A 48 -11.45 12.00 19.25
CA GLU A 48 -12.51 11.20 18.64
C GLU A 48 -11.99 9.90 17.99
N TYR A 49 -10.80 9.96 17.39
CA TYR A 49 -10.23 8.86 16.65
C TYR A 49 -8.95 8.39 17.28
N ILE A 50 -8.76 7.08 17.27
CA ILE A 50 -7.50 6.49 17.56
C ILE A 50 -6.80 6.20 16.24
N PHE A 51 -5.50 6.53 16.20
CA PHE A 51 -4.63 6.17 15.10
C PHE A 51 -3.45 5.39 15.66
N LYS A 52 -3.36 4.10 15.29
CA LYS A 52 -2.23 3.22 15.65
C LYS A 52 -1.23 3.29 14.51
N THR A 53 0.05 3.47 14.83
CA THR A 53 1.02 3.64 13.79
C THR A 53 2.26 2.86 14.08
N LYS A 54 2.92 2.45 13.02
CA LYS A 54 4.09 1.64 13.14
C LYS A 54 5.00 1.92 11.98
N PHE A 55 6.30 1.97 12.21
CA PHE A 55 7.27 2.00 11.10
C PHE A 55 7.93 0.63 10.93
N SER A 56 7.49 -0.11 9.93
CA SER A 56 8.05 -1.45 9.58
C SER A 56 9.16 -2.08 10.46
N THR A 57 8.73 -3.08 11.22
CA THR A 57 9.55 -3.74 12.23
C THR A 57 9.95 -5.16 11.74
N ASN A 58 9.64 -6.18 12.54
CA ASN A 58 9.51 -7.55 12.06
C ASN A 58 8.06 -7.89 11.59
N LYS A 59 7.22 -6.89 11.29
CA LYS A 59 5.83 -7.08 10.73
C LYS A 59 5.82 -7.48 9.25
N GLY A 62 1.60 -7.48 9.20
CA GLY A 62 1.69 -6.65 10.43
C GLY A 62 0.38 -5.95 10.77
N TYR A 63 0.24 -4.63 10.48
CA TYR A 63 -1.12 -4.05 10.60
C TYR A 63 -2.11 -4.58 9.56
N ALA A 64 -1.62 -5.21 8.52
CA ALA A 64 -2.50 -5.88 7.58
C ALA A 64 -3.35 -6.97 8.26
N LYS A 65 -2.73 -7.82 9.09
CA LYS A 65 -3.50 -8.91 9.72
C LYS A 65 -4.49 -8.38 10.71
N GLU A 66 -4.03 -7.43 11.49
CA GLU A 66 -4.88 -6.82 12.52
C GLU A 66 -6.13 -6.19 11.88
N LYS A 67 -5.92 -5.50 10.77
CA LYS A 67 -7.03 -4.99 9.99
C LYS A 67 -7.98 -6.09 9.48
N ALA A 68 -7.43 -7.18 8.94
CA ALA A 68 -8.27 -8.27 8.45
C ALA A 68 -9.11 -8.86 9.59
N ILE A 69 -8.56 -8.87 10.80
CA ILE A 69 -9.28 -9.38 11.92
C ILE A 69 -10.44 -8.48 12.37
N TYR A 70 -10.21 -7.16 12.46
CA TYR A 70 -11.31 -6.25 12.80
C TYR A 70 -12.41 -6.35 11.77
N ASN A 71 -12.02 -6.50 10.53
CA ASN A 71 -12.98 -6.57 9.44
C ASN A 71 -13.80 -7.89 9.59
N PHE A 72 -13.13 -9.02 9.76
CA PHE A 72 -13.78 -10.29 10.02
C PHE A 72 -14.73 -10.23 11.21
N LEU A 73 -14.27 -9.66 12.32
CA LEU A 73 -15.09 -9.64 13.51
C LEU A 73 -16.27 -8.68 13.41
N ASN A 74 -16.09 -7.52 12.81
CA ASN A 74 -17.23 -6.57 12.71
C ASN A 74 -18.30 -7.12 11.78
N THR A 75 -17.92 -8.00 10.87
CA THR A 75 -18.87 -8.74 10.05
C THR A 75 -19.61 -9.83 10.85
N ASN A 76 -18.88 -10.61 11.62
CA ASN A 76 -19.43 -11.85 12.16
C ASN A 76 -19.82 -11.86 13.63
N LEU A 77 -19.25 -11.01 14.47
CA LEU A 77 -19.65 -11.02 15.88
C LEU A 77 -21.03 -10.42 16.10
N GLU A 78 -21.87 -11.15 16.82
CA GLU A 78 -23.07 -10.55 17.40
C GLU A 78 -22.83 -10.33 18.89
N THR A 79 -22.70 -9.06 19.27
CA THR A 79 -22.36 -8.72 20.63
C THR A 79 -22.64 -7.26 20.82
N ASN A 80 -22.90 -6.84 22.05
CA ASN A 80 -22.96 -5.40 22.35
C ASN A 80 -21.62 -4.84 22.70
N VAL A 81 -20.60 -5.68 22.87
CA VAL A 81 -19.28 -5.19 23.24
C VAL A 81 -18.64 -4.54 22.02
N LYS A 82 -18.15 -3.32 22.17
CA LYS A 82 -17.57 -2.62 21.03
C LYS A 82 -16.12 -3.01 20.82
N ILE A 83 -15.73 -3.04 19.57
CA ILE A 83 -14.33 -3.27 19.19
C ILE A 83 -13.93 -2.29 18.08
N PRO A 84 -12.63 -2.17 17.81
CA PRO A 84 -12.25 -1.16 16.80
C PRO A 84 -12.88 -1.46 15.46
N ASN A 85 -13.31 -0.40 14.79
CA ASN A 85 -13.86 -0.51 13.47
C ASN A 85 -13.11 0.45 12.53
N ILE A 86 -12.33 -0.16 11.65
CA ILE A 86 -11.34 0.57 10.89
C ILE A 86 -11.97 1.43 9.81
N GLU A 87 -11.83 2.74 9.94
CA GLU A 87 -12.28 3.66 8.92
C GLU A 87 -11.14 4.08 8.02
N TYR A 88 -9.93 4.16 8.57
CA TYR A 88 -8.77 4.60 7.80
C TYR A 88 -7.67 3.60 7.91
N SER A 89 -7.05 3.28 6.79
CA SER A 89 -5.85 2.48 6.88
C SER A 89 -4.91 2.81 5.75
N TYR A 90 -3.61 2.75 6.07
CA TYR A 90 -2.54 2.80 5.09
C TYR A 90 -1.52 1.76 5.48
N ILE A 91 -1.18 0.87 4.56
CA ILE A 91 -0.32 -0.26 4.87
C ILE A 91 0.74 -0.36 3.83
N SER A 92 2.00 -0.26 4.23
CA SER A 92 3.12 -0.41 3.33
C SER A 92 4.24 -1.08 4.10
N ASP A 93 5.30 -1.44 3.40
CA ASP A 93 6.41 -2.14 4.05
C ASP A 93 7.03 -1.28 5.13
N GLU A 94 7.05 0.04 4.92
CA GLU A 94 7.84 0.96 5.74
C GLU A 94 7.00 1.68 6.79
N LEU A 95 5.67 1.70 6.57
CA LEU A 95 4.78 2.46 7.42
C LEU A 95 3.41 1.84 7.41
N SER A 96 2.79 1.71 8.59
CA SER A 96 1.38 1.31 8.70
C SER A 96 0.61 2.14 9.70
N ILE A 97 -0.60 2.52 9.30
CA ILE A 97 -1.48 3.32 10.08
C ILE A 97 -2.89 2.71 10.05
N LEU A 98 -3.52 2.59 11.22
CA LEU A 98 -4.94 2.22 11.33
C LEU A 98 -5.68 3.25 12.13
N GLY A 99 -6.79 3.72 11.59
CA GLY A 99 -7.61 4.69 12.28
C GLY A 99 -9.03 4.20 12.51
N TYR A 100 -9.53 4.45 13.71
CA TYR A 100 -10.89 4.08 14.07
C TYR A 100 -11.42 4.98 15.17
N LYS A 101 -12.73 5.02 15.38
CA LYS A 101 -13.30 5.82 16.46
C LYS A 101 -12.98 5.28 17.83
N GLU A 102 -12.55 6.14 18.72
CA GLU A 102 -12.16 5.78 20.08
C GLU A 102 -13.35 5.12 20.73
N ILE A 103 -13.11 3.97 21.35
CA ILE A 103 -14.14 3.41 22.19
C ILE A 103 -14.08 4.10 23.53
N LYS A 104 -15.22 4.61 23.96
CA LYS A 104 -15.29 5.37 25.19
C LYS A 104 -15.49 4.51 26.41
N GLY A 105 -14.74 4.80 27.46
CA GLY A 105 -14.91 4.07 28.70
C GLY A 105 -13.68 4.17 29.55
N THR A 106 -13.66 3.39 30.63
CA THR A 106 -12.55 3.33 31.58
C THR A 106 -11.92 1.94 31.57
N PHE A 107 -10.60 1.87 31.53
CA PHE A 107 -9.90 0.61 31.48
C PHE A 107 -9.97 -0.04 32.82
N LEU A 108 -10.21 -1.35 32.79
CA LEU A 108 -10.24 -2.16 34.00
C LEU A 108 -8.86 -2.23 34.66
N THR A 109 -8.83 -2.09 35.96
CA THR A 109 -7.60 -2.25 36.73
C THR A 109 -7.91 -2.97 38.01
N PRO A 110 -6.89 -3.50 38.68
CA PRO A 110 -7.10 -4.12 39.99
C PRO A 110 -7.76 -3.20 40.98
N GLU A 111 -7.36 -1.94 40.99
CA GLU A 111 -7.91 -0.98 41.92
C GLU A 111 -9.40 -0.83 41.72
N ILE A 112 -9.82 -0.65 40.48
CA ILE A 112 -11.24 -0.46 40.18
C ILE A 112 -12.05 -1.70 40.59
N TYR A 113 -11.53 -2.88 40.23
CA TYR A 113 -12.19 -4.15 40.50
C TYR A 113 -12.42 -4.31 41.99
N SER A 114 -11.46 -3.91 42.79
CA SER A 114 -11.54 -4.08 44.24
C SER A 114 -12.60 -3.16 44.85
N THR A 115 -12.99 -2.11 44.14
CA THR A 115 -14.10 -1.27 44.63
C THR A 115 -15.49 -1.73 44.14
N MET A 116 -15.56 -2.72 43.26
CA MET A 116 -16.85 -3.18 42.76
C MET A 116 -17.55 -4.11 43.80
N SER A 117 -18.87 -4.05 43.89
CA SER A 117 -19.63 -4.96 44.72
C SER A 117 -19.46 -6.37 44.16
N GLU A 118 -19.69 -7.37 44.99
CA GLU A 118 -19.58 -8.76 44.54
C GLU A 118 -20.41 -9.03 43.28
N GLU A 119 -21.60 -8.46 43.25
CA GLU A 119 -22.46 -8.62 42.12
C GLU A 119 -21.89 -7.93 40.87
N GLU A 120 -21.42 -6.72 41.01
CA GLU A 120 -20.79 -6.04 39.87
C GLU A 120 -19.65 -6.86 39.28
N GLN A 121 -18.87 -7.44 40.16
CA GLN A 121 -17.77 -8.28 39.73
C GLN A 121 -18.28 -9.49 38.97
N ASN A 122 -19.32 -10.13 39.50
CA ASN A 122 -19.89 -11.27 38.83
C ASN A 122 -20.32 -10.91 37.41
N LEU A 123 -21.01 -9.78 37.28
CA LEU A 123 -21.60 -9.43 35.98
C LEU A 123 -20.48 -9.18 34.95
N LEU A 124 -19.40 -8.55 35.43
CA LEU A 124 -18.23 -8.34 34.60
C LEU A 124 -17.62 -9.65 34.17
N LYS A 125 -17.54 -10.58 35.09
CA LYS A 125 -17.00 -11.88 34.75
C LYS A 125 -17.85 -12.57 33.74
N ARG A 126 -19.16 -12.45 33.88
CA ARG A 126 -20.06 -13.12 32.95
C ARG A 126 -19.94 -12.49 31.60
N ASP A 127 -19.76 -11.17 31.60
CA ASP A 127 -19.65 -10.44 30.34
C ASP A 127 -18.43 -10.93 29.56
N ILE A 128 -17.34 -11.11 30.27
CA ILE A 128 -16.10 -11.57 29.65
C ILE A 128 -16.24 -13.00 29.16
N ALA A 129 -16.73 -13.87 30.01
CA ALA A 129 -16.94 -15.26 29.59
C ALA A 129 -17.82 -15.28 28.35
N SER A 130 -18.90 -14.51 28.34
CA SER A 130 -19.80 -14.49 27.18
C SER A 130 -19.11 -14.01 25.90
N PHE A 131 -18.28 -12.96 26.03
CA PHE A 131 -17.58 -12.47 24.86
C PHE A 131 -16.68 -13.54 24.29
N LEU A 132 -15.86 -14.13 25.17
CA LEU A 132 -14.90 -15.15 24.73
C LEU A 132 -15.61 -16.35 24.15
N ARG A 133 -16.73 -16.71 24.75
CA ARG A 133 -17.48 -17.86 24.26
C ARG A 133 -17.91 -17.56 22.83
N GLN A 134 -18.43 -16.37 22.59
CA GLN A 134 -18.94 -16.00 21.28
C GLN A 134 -17.79 -15.90 20.24
N MET A 135 -16.64 -15.38 20.64
CA MET A 135 -15.53 -15.26 19.70
C MET A 135 -14.93 -16.63 19.40
N HIS A 136 -14.67 -17.40 20.44
CA HIS A 136 -14.08 -18.72 20.27
C HIS A 136 -14.99 -19.65 19.49
N GLY A 137 -16.27 -19.32 19.46
CA GLY A 137 -17.22 -20.12 18.72
C GLY A 137 -17.36 -19.76 17.27
N LEU A 138 -16.60 -18.81 16.76
CA LEU A 138 -16.81 -18.42 15.38
C LEU A 138 -16.21 -19.39 14.39
N ASP A 139 -16.93 -19.59 13.28
CA ASP A 139 -16.41 -20.29 12.16
C ASP A 139 -15.37 -19.36 11.57
N TYR A 140 -14.13 -19.81 11.63
CA TYR A 140 -13.00 -18.99 11.26
C TYR A 140 -12.47 -19.25 9.86
N THR A 141 -13.26 -19.89 9.01
CA THR A 141 -12.81 -20.30 7.67
C THR A 141 -12.29 -19.09 6.89
N ASP A 142 -13.07 -18.01 6.94
CA ASP A 142 -12.79 -16.77 6.18
C ASP A 142 -11.52 -16.02 6.61
N ILE A 143 -10.99 -16.33 7.81
CA ILE A 143 -9.71 -15.82 8.28
C ILE A 143 -8.71 -16.98 8.55
N SER A 144 -8.78 -18.06 7.79
CA SER A 144 -8.07 -19.29 8.16
C SER A 144 -6.55 -19.22 7.97
N GLU A 145 -6.07 -18.22 7.24
CA GLU A 145 -4.64 -18.01 7.06
C GLU A 145 -4.00 -17.38 8.28
N CYS A 146 -4.82 -16.86 9.18
CA CYS A 146 -4.30 -16.23 10.39
C CYS A 146 -4.03 -17.25 11.53
N THR A 147 -3.39 -18.37 11.20
CA THR A 147 -3.05 -19.39 12.19
C THR A 147 -1.78 -19.12 12.90
N ILE A 148 -1.70 -19.58 14.14
CA ILE A 148 -0.52 -19.37 14.97
C ILE A 148 -0.24 -20.67 15.72
N ASP A 149 0.95 -21.23 15.56
CA ASP A 149 1.37 -22.42 16.27
C ASP A 149 2.43 -21.99 17.28
N ASN A 150 2.02 -21.85 18.55
CA ASN A 150 2.93 -21.43 19.59
C ASN A 150 4.07 -22.40 19.85
N LYS A 151 3.81 -23.69 19.75
CA LYS A 151 4.84 -24.68 20.01
C LYS A 151 5.91 -24.62 18.96
N GLN A 152 5.49 -24.63 17.71
CA GLN A 152 6.41 -24.51 16.59
C GLN A 152 7.22 -23.22 16.65
N ASN A 153 6.57 -22.10 16.97
CA ASN A 153 7.26 -20.82 17.08
C ASN A 153 8.38 -20.91 18.07
N VAL A 154 8.09 -21.52 19.23
CA VAL A 154 9.12 -21.69 20.25
C VAL A 154 10.27 -22.55 19.74
N LEU A 155 9.96 -23.64 19.05
CA LEU A 155 11.03 -24.48 18.52
C LEU A 155 11.89 -23.71 17.55
N GLU A 156 11.29 -22.89 16.71
CA GLU A 156 12.07 -22.07 15.78
C GLU A 156 12.92 -21.03 16.50
N GLU A 157 12.35 -20.41 17.53
CA GLU A 157 13.07 -19.44 18.35
C GLU A 157 14.24 -20.11 19.07
N TYR A 158 14.06 -21.36 19.50
CA TYR A 158 15.13 -22.09 20.16
C TYR A 158 16.24 -22.35 19.18
N ILE A 159 15.90 -22.63 17.95
CA ILE A 159 16.92 -22.88 16.93
C ILE A 159 17.74 -21.63 16.63
N LEU A 160 17.06 -20.50 16.56
CA LEU A 160 17.71 -19.23 16.39
C LEU A 160 18.71 -19.01 17.52
N LEU A 161 18.32 -19.27 18.77
CA LEU A 161 19.24 -19.21 19.91
C LEU A 161 20.48 -20.04 19.72
N ARG A 162 20.30 -21.26 19.25
CA ARG A 162 21.42 -22.17 19.05
C ARG A 162 22.30 -21.70 17.93
N GLU A 163 21.73 -21.05 16.95
CA GLU A 163 22.51 -20.47 15.82
C GLU A 163 23.25 -19.18 16.17
N THR A 164 22.85 -18.50 17.23
CA THR A 164 23.41 -17.20 17.59
C THR A 164 24.20 -17.25 18.90
N ILE A 165 23.56 -16.93 20.03
CA ILE A 165 24.27 -16.71 21.29
C ILE A 165 24.33 -17.86 22.30
N TYR A 166 23.70 -18.98 22.01
CA TYR A 166 23.55 -20.04 23.02
C TYR A 166 24.88 -20.46 23.65
N ASN A 167 25.91 -20.58 22.83
CA ASN A 167 27.19 -21.08 23.36
C ASN A 167 27.89 -20.09 24.28
N ASP A 168 27.49 -18.83 24.23
CA ASP A 168 28.04 -17.83 25.13
C ASP A 168 27.23 -17.66 26.43
N LEU A 169 26.16 -18.42 26.62
CA LEU A 169 25.37 -18.27 27.83
C LEU A 169 26.04 -19.01 28.97
N THR A 170 25.71 -18.63 30.21
CA THR A 170 26.20 -19.36 31.38
C THR A 170 25.48 -20.70 31.52
N ASP A 171 26.01 -21.55 32.39
CA ASP A 171 25.42 -22.82 32.63
C ASP A 171 24.03 -22.63 33.24
N ILE A 172 23.90 -21.72 34.20
CA ILE A 172 22.60 -21.46 34.82
C ILE A 172 21.54 -21.09 33.77
N GLU A 173 21.94 -20.32 32.78
CA GLU A 173 21.04 -19.88 31.73
C GLU A 173 20.69 -21.01 30.77
N LYS A 174 21.70 -21.76 30.38
CA LYS A 174 21.46 -22.97 29.62
C LYS A 174 20.52 -23.95 30.34
N ASP A 175 20.74 -24.20 31.62
CA ASP A 175 19.89 -25.13 32.36
C ASP A 175 18.43 -24.63 32.35
N TYR A 176 18.22 -23.34 32.55
CA TYR A 176 16.88 -22.78 32.52
C TYR A 176 16.20 -23.03 31.16
N ILE A 177 16.95 -22.79 30.09
CA ILE A 177 16.38 -22.94 28.77
C ILE A 177 16.10 -24.42 28.46
N GLU A 178 17.02 -25.30 28.78
CA GLU A 178 16.85 -26.73 28.46
C GLU A 178 15.73 -27.34 29.30
N SER A 179 15.64 -26.88 30.53
CA SER A 179 14.60 -27.34 31.41
C SER A 179 13.21 -26.91 30.86
N PHE A 180 13.12 -25.71 30.34
CA PHE A 180 11.90 -25.27 29.70
C PHE A 180 11.55 -26.11 28.46
N MET A 181 12.54 -26.40 27.64
CA MET A 181 12.33 -27.18 26.42
C MET A 181 11.90 -28.60 26.76
N GLU A 182 12.48 -29.16 27.81
CA GLU A 182 12.09 -30.50 28.28
C GLU A 182 10.61 -30.50 28.71
N ARG A 183 10.23 -29.48 29.44
CA ARG A 183 8.84 -29.27 29.77
C ARG A 183 7.91 -29.07 28.53
N LEU A 184 8.36 -28.27 27.56
CA LEU A 184 7.60 -28.06 26.33
C LEU A 184 7.35 -29.32 25.56
N ASN A 185 8.32 -30.20 25.56
CA ASN A 185 8.22 -31.46 24.86
C ASN A 185 7.26 -32.45 25.50
N ALA A 186 7.16 -32.40 26.82
CA ALA A 186 6.33 -33.33 27.59
C ALA A 186 4.88 -32.88 27.72
N THR A 187 4.61 -31.59 27.65
CA THR A 187 3.26 -31.13 27.86
C THR A 187 2.28 -31.56 26.76
N THR A 188 1.01 -31.58 27.13
CA THR A 188 -0.06 -31.88 26.21
C THR A 188 -0.96 -30.69 25.97
N VAL A 189 -0.62 -29.53 26.54
CA VAL A 189 -1.50 -28.39 26.47
C VAL A 189 -1.63 -27.78 25.06
N PHE A 190 -0.86 -28.21 24.07
CA PHE A 190 -1.11 -27.75 22.67
C PHE A 190 -1.95 -28.68 21.80
N GLU A 191 -2.47 -29.73 22.40
CA GLU A 191 -3.18 -30.72 21.62
C GLU A 191 -4.70 -30.54 21.71
N GLY A 192 -5.15 -29.39 22.21
CA GLY A 192 -6.57 -29.16 22.47
C GLY A 192 -7.23 -28.37 21.37
N LYS A 193 -8.41 -27.83 21.70
CA LYS A 193 -9.20 -27.07 20.77
C LYS A 193 -8.44 -25.80 20.31
N LYS A 194 -8.49 -25.55 18.99
CA LYS A 194 -8.01 -24.37 18.34
C LYS A 194 -9.18 -23.50 17.94
N CYS A 195 -9.05 -22.19 18.12
CA CYS A 195 -10.06 -21.26 17.70
C CYS A 195 -9.51 -19.86 17.59
N LEU A 196 -10.32 -18.94 17.11
CA LEU A 196 -9.93 -17.55 17.04
C LEU A 196 -9.89 -16.91 18.45
N CYS A 197 -8.72 -16.44 18.84
CA CYS A 197 -8.47 -15.83 20.13
C CYS A 197 -7.92 -14.41 19.99
N HIS A 198 -8.26 -13.59 20.96
CA HIS A 198 -7.76 -12.25 21.05
C HIS A 198 -6.23 -12.30 21.17
N ASN A 199 -5.79 -13.16 22.08
CA ASN A 199 -4.38 -13.54 22.26
C ASN A 199 -3.52 -12.46 22.90
N ASP A 200 -4.13 -11.46 23.51
CA ASP A 200 -3.43 -10.51 24.39
C ASP A 200 -4.48 -9.95 25.36
N PHE A 201 -5.24 -10.86 25.98
CA PHE A 201 -6.49 -10.53 26.65
C PHE A 201 -6.24 -10.16 28.09
N SER A 202 -5.63 -9.01 28.29
CA SER A 202 -5.29 -8.50 29.59
C SER A 202 -6.20 -7.36 29.95
N CYS A 203 -6.22 -6.98 31.21
CA CYS A 203 -7.21 -6.01 31.62
C CYS A 203 -6.97 -4.59 31.12
N ASN A 204 -5.75 -4.25 30.75
CA ASN A 204 -5.48 -2.99 30.06
C ASN A 204 -6.03 -2.92 28.61
N HIS A 205 -6.68 -3.98 28.13
CA HIS A 205 -7.41 -3.91 26.86
C HIS A 205 -8.91 -4.00 27.05
N LEU A 206 -9.38 -3.92 28.29
CA LEU A 206 -10.81 -4.06 28.55
C LEU A 206 -11.39 -2.77 29.06
N LEU A 207 -12.47 -2.33 28.44
CA LEU A 207 -13.11 -1.08 28.78
C LEU A 207 -14.43 -1.25 29.49
N LEU A 208 -14.62 -0.50 30.58
CA LEU A 208 -15.88 -0.41 31.33
C LEU A 208 -16.68 0.83 31.09
N ASP A 209 -18.00 0.69 31.14
CA ASP A 209 -18.92 1.82 31.09
C ASP A 209 -19.19 2.32 32.51
N GLY A 210 -20.07 3.31 32.65
CA GLY A 210 -20.36 3.94 33.96
C GLY A 210 -20.98 3.05 35.03
N ASN A 211 -21.48 1.88 34.63
CA ASN A 211 -21.94 0.84 35.57
C ASN A 211 -20.99 -0.26 35.85
N ASN A 212 -19.76 -0.13 35.37
CA ASN A 212 -18.73 -1.15 35.56
C ASN A 212 -18.98 -2.43 34.78
N ARG A 213 -19.74 -2.32 33.70
CA ARG A 213 -20.00 -3.42 32.83
C ARG A 213 -19.06 -3.27 31.68
N LEU A 214 -18.77 -4.38 31.07
CA LEU A 214 -17.83 -4.42 29.97
C LEU A 214 -18.45 -3.78 28.77
N THR A 215 -17.81 -2.73 28.26
CA THR A 215 -18.37 -2.02 27.14
C THR A 215 -17.55 -2.14 25.86
N GLY A 216 -16.26 -2.41 26.00
CA GLY A 216 -15.44 -2.56 24.81
C GLY A 216 -14.16 -3.34 25.04
N ILE A 217 -13.58 -3.79 23.91
CA ILE A 217 -12.30 -4.50 23.91
C ILE A 217 -11.44 -4.01 22.75
N ILE A 218 -10.14 -3.85 23.00
CA ILE A 218 -9.23 -3.30 22.00
C ILE A 218 -8.00 -4.21 21.81
N ASP A 219 -7.20 -3.83 20.82
CA ASP A 219 -5.90 -4.42 20.52
C ASP A 219 -6.02 -5.92 20.24
N PHE A 220 -6.62 -6.22 19.10
CA PHE A 220 -6.67 -7.56 18.55
C PHE A 220 -5.46 -7.76 17.63
N GLY A 221 -4.42 -6.95 17.85
CA GLY A 221 -3.20 -7.05 17.08
C GLY A 221 -2.44 -8.37 17.12
N ASP A 222 -2.67 -9.24 18.11
CA ASP A 222 -1.95 -10.50 18.15
C ASP A 222 -2.89 -11.66 17.90
N SER A 223 -4.12 -11.34 17.53
CA SER A 223 -5.16 -12.33 17.36
C SER A 223 -4.91 -13.29 16.26
N GLY A 224 -5.42 -14.50 16.43
CA GLY A 224 -5.27 -15.54 15.43
C GLY A 224 -5.93 -16.82 15.84
N ILE A 225 -5.82 -17.82 15.00
CA ILE A 225 -6.37 -19.13 15.30
C ILE A 225 -5.30 -19.91 16.03
N ILE A 226 -5.61 -20.22 17.27
CA ILE A 226 -4.61 -20.67 18.23
C ILE A 226 -5.32 -21.47 19.34
N ASP A 227 -4.58 -22.01 20.29
CA ASP A 227 -5.22 -22.74 21.38
C ASP A 227 -6.22 -21.86 22.14
N GLU A 228 -7.42 -22.39 22.31
CA GLU A 228 -8.43 -21.85 23.21
C GLU A 228 -7.86 -21.38 24.58
N TYR A 229 -6.92 -22.14 25.15
CA TYR A 229 -6.31 -21.75 26.45
C TYR A 229 -5.62 -20.36 26.44
N CYS A 230 -5.21 -19.91 25.27
CA CYS A 230 -4.51 -18.60 25.14
C CYS A 230 -5.26 -17.42 25.75
N ASP A 231 -6.56 -17.32 25.56
CA ASP A 231 -7.25 -16.15 26.04
C ASP A 231 -7.44 -16.11 27.54
N PHE A 232 -6.88 -17.07 28.29
CA PHE A 232 -7.02 -17.04 29.76
C PHE A 232 -5.71 -16.82 30.46
N ILE A 233 -4.65 -16.66 29.69
CA ILE A 233 -3.29 -16.50 30.22
C ILE A 233 -3.16 -15.32 31.18
N TYR A 234 -3.80 -14.19 30.85
CA TYR A 234 -3.67 -12.99 31.71
C TYR A 234 -4.77 -12.92 32.75
N LEU A 235 -5.92 -13.46 32.40
CA LEU A 235 -6.96 -13.63 33.40
C LEU A 235 -6.51 -14.49 34.55
N LEU A 236 -5.65 -15.47 34.29
CA LEU A 236 -5.13 -16.32 35.38
C LEU A 236 -3.88 -15.77 36.06
N GLU A 237 -3.33 -14.67 35.56
CA GLU A 237 -2.03 -14.17 36.03
C GLU A 237 -2.13 -13.50 37.39
N ASP A 238 -1.12 -13.81 38.20
CA ASP A 238 -0.93 -13.22 39.49
C ASP A 238 0.17 -12.14 39.39
N SER A 239 -0.21 -10.87 39.42
CA SER A 239 0.75 -9.75 39.27
C SER A 239 0.10 -8.41 39.58
N GLU A 240 0.89 -7.36 39.68
CA GLU A 240 0.35 -6.05 39.98
C GLU A 240 -0.53 -5.52 38.88
N GLU A 241 -0.22 -5.87 37.65
CA GLU A 241 -1.01 -5.41 36.49
C GLU A 241 -2.38 -6.09 36.28
N GLU A 242 -2.52 -7.32 36.77
CA GLU A 242 -3.73 -8.09 36.54
C GLU A 242 -4.48 -8.30 37.86
N ILE A 243 -5.68 -8.83 37.76
CA ILE A 243 -6.58 -8.90 38.88
C ILE A 243 -6.29 -10.04 39.81
N GLY A 244 -6.09 -11.24 39.26
CA GLY A 244 -5.67 -12.37 40.08
C GLY A 244 -6.15 -13.71 39.58
N THR A 245 -5.50 -14.76 40.05
CA THR A 245 -5.87 -16.14 39.68
C THR A 245 -7.36 -16.48 39.86
N ASN A 246 -7.99 -16.01 40.93
CA ASN A 246 -9.41 -16.31 41.19
C ASN A 246 -10.37 -15.75 40.18
N PHE A 247 -10.01 -14.58 39.69
CA PHE A 247 -10.75 -13.90 38.62
C PHE A 247 -10.80 -14.76 37.37
N GLY A 248 -9.65 -15.25 36.96
CA GLY A 248 -9.58 -16.15 35.82
C GLY A 248 -10.26 -17.51 36.03
N GLU A 249 -10.11 -18.04 37.23
CA GLU A 249 -10.77 -19.28 37.58
C GLU A 249 -12.30 -19.19 37.44
N ASP A 250 -12.89 -18.14 38.01
CA ASP A 250 -14.33 -17.99 37.99
C ASP A 250 -14.80 -17.82 36.58
N ILE A 251 -14.01 -17.10 35.78
CA ILE A 251 -14.35 -16.85 34.39
C ILE A 251 -14.31 -18.12 33.61
N LEU A 252 -13.30 -18.93 33.85
CA LEU A 252 -13.26 -20.26 33.25
C LEU A 252 -14.49 -21.10 33.65
N ARG A 253 -14.92 -21.06 34.90
CA ARG A 253 -16.14 -21.82 35.30
C ARG A 253 -17.34 -21.35 34.54
N MET A 254 -17.47 -20.03 34.41
CA MET A 254 -18.61 -19.48 33.73
C MET A 254 -18.55 -19.81 32.25
N TYR A 255 -17.35 -19.80 31.70
CA TYR A 255 -17.16 -20.07 30.29
C TYR A 255 -17.54 -21.53 29.99
N GLY A 256 -17.17 -22.45 30.88
CA GLY A 256 -17.52 -23.86 30.79
C GLY A 256 -16.79 -24.68 29.75
N ASN A 257 -16.84 -25.98 29.89
CA ASN A 257 -16.28 -26.90 28.89
C ASN A 257 -14.84 -26.65 28.57
N ILE A 258 -14.04 -26.58 29.62
CA ILE A 258 -12.64 -26.36 29.44
C ILE A 258 -11.93 -26.82 30.69
N ASP A 259 -10.81 -27.49 30.46
CA ASP A 259 -10.02 -28.04 31.52
C ASP A 259 -9.21 -26.94 32.22
N ILE A 260 -9.63 -26.60 33.42
CA ILE A 260 -9.06 -25.49 34.16
C ILE A 260 -7.60 -25.73 34.53
N GLU A 261 -7.28 -26.97 34.84
CA GLU A 261 -5.91 -27.28 35.25
C GLU A 261 -4.95 -27.14 34.08
N LYS A 262 -5.41 -27.52 32.89
CA LYS A 262 -4.64 -27.32 31.66
C LYS A 262 -4.51 -25.87 31.26
N ALA A 263 -5.57 -25.09 31.42
CA ALA A 263 -5.44 -23.66 31.18
C ALA A 263 -4.34 -23.07 32.06
N LYS A 264 -4.26 -23.55 33.29
CA LYS A 264 -3.26 -23.06 34.20
C LYS A 264 -1.90 -23.52 33.85
N GLU A 265 -1.82 -24.75 33.41
CA GLU A 265 -0.56 -25.26 32.97
C GLU A 265 -0.07 -24.39 31.77
N TYR A 266 -0.95 -24.10 30.82
CA TYR A 266 -0.63 -23.30 29.65
C TYR A 266 -0.11 -21.94 30.07
N GLN A 267 -0.82 -21.31 31.00
CA GLN A 267 -0.38 -20.06 31.52
C GLN A 267 1.01 -20.14 32.19
N ASP A 268 1.22 -21.22 32.95
CA ASP A 268 2.47 -21.35 33.69
C ASP A 268 3.67 -21.55 32.77
N ILE A 269 3.44 -22.30 31.71
CA ILE A 269 4.46 -22.52 30.69
C ILE A 269 4.82 -21.21 29.96
N VAL A 270 3.81 -20.45 29.57
CA VAL A 270 4.04 -19.15 28.94
C VAL A 270 4.81 -18.21 29.86
N GLU A 271 4.47 -18.22 31.14
CA GLU A 271 5.20 -17.42 32.12
C GLU A 271 6.65 -17.88 32.21
N GLU A 272 6.88 -19.19 32.24
CA GLU A 272 8.23 -19.70 32.27
C GLU A 272 9.03 -19.22 31.04
N TYR A 273 8.36 -19.14 29.90
CA TYR A 273 9.03 -18.79 28.66
C TYR A 273 9.43 -17.30 28.55
N TYR A 274 8.80 -16.45 29.35
CA TYR A 274 8.91 -15.00 29.16
C TYR A 274 10.37 -14.47 29.02
N PRO A 275 11.30 -14.92 29.89
CA PRO A 275 12.67 -14.44 29.78
C PRO A 275 13.35 -14.87 28.51
N ILE A 276 12.96 -16.03 28.00
CA ILE A 276 13.61 -16.54 26.79
C ILE A 276 13.06 -15.73 25.62
N GLU A 277 11.76 -15.49 25.65
CA GLU A 277 11.12 -14.67 24.64
C GLU A 277 11.74 -13.27 24.58
N THR A 278 12.06 -12.74 25.77
CA THR A 278 12.69 -11.45 25.89
C THR A 278 14.05 -11.47 25.22
N ILE A 279 14.82 -12.53 25.47
CA ILE A 279 16.15 -12.68 24.86
C ILE A 279 16.07 -12.79 23.33
N VAL A 280 15.15 -13.60 22.87
CA VAL A 280 14.97 -13.83 21.45
C VAL A 280 14.57 -12.53 20.73
N TYR A 281 13.73 -11.72 21.35
CA TYR A 281 13.35 -10.41 20.79
C TYR A 281 14.60 -9.54 20.62
N GLY A 282 15.46 -9.52 21.64
CA GLY A 282 16.72 -8.81 21.57
C GLY A 282 17.58 -9.27 20.40
N ILE A 283 17.65 -10.57 20.17
CA ILE A 283 18.46 -11.11 19.09
C ILE A 283 17.90 -10.68 17.75
N LYS A 284 16.61 -10.93 17.57
CA LYS A 284 15.93 -10.67 16.31
C LYS A 284 15.96 -9.21 15.90
N ASN A 285 15.91 -8.31 16.86
CA ASN A 285 15.86 -6.85 16.60
C ASN A 285 17.19 -6.15 16.94
N ILE A 286 18.21 -6.94 17.20
CA ILE A 286 19.54 -6.43 17.50
C ILE A 286 19.47 -5.40 18.62
N LYS A 287 18.94 -5.79 19.77
CA LYS A 287 18.88 -4.92 20.93
C LYS A 287 19.43 -5.61 22.15
N GLN A 288 20.71 -5.38 22.41
CA GLN A 288 21.41 -5.96 23.55
C GLN A 288 20.66 -5.81 24.88
N GLU A 289 20.03 -4.67 25.08
CA GLU A 289 19.29 -4.36 26.30
C GLU A 289 18.30 -5.49 26.68
N PHE A 290 17.58 -6.01 25.70
CA PHE A 290 16.61 -7.10 25.93
C PHE A 290 17.29 -8.45 26.18
N ILE A 291 18.37 -8.71 25.46
CA ILE A 291 19.16 -9.90 25.73
C ILE A 291 19.60 -9.87 27.19
N GLU A 292 20.16 -8.76 27.66
CA GLU A 292 20.61 -8.72 29.05
C GLU A 292 19.44 -8.79 30.04
N ASN A 293 18.33 -8.09 29.79
CA ASN A 293 17.18 -8.16 30.70
C ASN A 293 16.69 -9.58 30.89
N GLY A 294 16.58 -10.32 29.78
CA GLY A 294 16.04 -11.69 29.82
C GLY A 294 16.96 -12.62 30.57
N ARG A 295 18.26 -12.48 30.32
CA ARG A 295 19.26 -13.25 31.06
C ARG A 295 19.25 -12.95 32.53
N LYS A 296 19.09 -11.69 32.89
CA LYS A 296 19.03 -11.31 34.30
C LYS A 296 17.75 -11.83 34.97
N GLU A 297 16.66 -11.87 34.24
CA GLU A 297 15.39 -12.37 34.78
C GLU A 297 15.49 -13.88 35.12
N ILE A 298 16.30 -14.58 34.34
CA ILE A 298 16.56 -16.00 34.57
C ILE A 298 17.24 -16.19 35.89
N TYR A 299 18.27 -15.38 36.18
CA TYR A 299 18.87 -15.39 37.50
C TYR A 299 17.88 -15.03 38.60
N LYS A 300 17.00 -14.06 38.39
CA LYS A 300 16.04 -13.72 39.43
C LYS A 300 15.06 -14.88 39.70
N ARG A 301 14.58 -15.51 38.63
CA ARG A 301 13.68 -16.64 38.78
C ARG A 301 14.37 -17.86 39.44
N THR A 302 15.61 -18.13 39.05
CA THR A 302 16.38 -19.23 39.61
C THR A 302 16.59 -19.07 41.11
N TYR A 303 16.66 -17.84 41.61
CA TYR A 303 16.95 -17.63 43.02
C TYR A 303 15.73 -17.30 43.89
N LYS A 304 14.54 -17.31 43.32
CA LYS A 304 13.30 -17.37 44.10
C LYS A 304 13.11 -18.82 44.53
N TYR B 5 8.76 4.81 26.67
CA TYR B 5 8.60 5.65 25.46
C TYR B 5 9.79 6.60 25.28
N ASP B 6 10.17 6.83 24.02
CA ASP B 6 11.30 7.72 23.68
C ASP B 6 10.93 8.63 22.49
N ASP B 7 10.81 9.95 22.76
CA ASP B 7 10.53 10.96 21.71
C ASP B 7 11.74 11.16 20.78
N ASN B 8 12.95 10.85 21.26
CA ASN B 8 14.18 10.86 20.42
C ASN B 8 14.10 9.74 19.37
N ALA B 9 13.96 8.49 19.82
CA ALA B 9 13.84 7.33 18.93
C ALA B 9 12.72 7.47 17.88
N THR B 10 11.55 7.99 18.27
CA THR B 10 10.40 8.02 17.37
C THR B 10 10.49 9.14 16.34
N ASN B 11 10.94 10.33 16.76
CA ASN B 11 11.10 11.50 15.85
C ASN B 11 12.00 11.14 14.70
N VAL B 12 13.06 10.43 15.06
CA VAL B 12 14.04 10.02 14.12
C VAL B 12 13.47 9.04 13.08
N LYS B 13 12.66 8.07 13.50
CA LYS B 13 12.13 7.06 12.57
C LYS B 13 11.24 7.67 11.52
N ALA B 14 10.38 8.55 11.97
CA ALA B 14 9.53 9.33 11.08
C ALA B 14 10.30 10.20 10.06
N MET B 15 11.32 10.93 10.52
CA MET B 15 12.09 11.74 9.60
C MET B 15 12.93 10.86 8.64
N LYS B 16 13.46 9.77 9.16
CA LYS B 16 14.15 8.77 8.31
C LYS B 16 13.23 8.24 7.21
N TYR B 17 11.97 8.04 7.56
CA TYR B 17 11.00 7.63 6.59
C TYR B 17 10.78 8.70 5.56
N LEU B 18 10.56 9.92 6.01
CA LEU B 18 10.28 10.99 5.06
C LEU B 18 11.43 11.24 4.11
N ILE B 19 12.66 11.21 4.64
CA ILE B 19 13.84 11.41 3.81
C ILE B 19 13.90 10.32 2.72
N GLU B 20 13.73 9.07 3.12
CA GLU B 20 13.84 7.99 2.17
C GLU B 20 12.69 8.00 1.20
N HIS B 21 11.56 8.55 1.64
CA HIS B 21 10.37 8.62 0.81
C HIS B 21 10.52 9.69 -0.25
N TYR B 22 10.95 10.89 0.16
CA TYR B 22 11.01 12.01 -0.78
C TYR B 22 12.30 12.06 -1.62
N PHE B 23 13.37 11.44 -1.14
CA PHE B 23 14.59 11.42 -1.90
C PHE B 23 14.86 9.98 -2.33
N ASP B 24 14.29 9.66 -3.49
CA ASP B 24 14.25 8.31 -4.11
C ASP B 24 15.31 7.29 -3.64
N ASN B 25 16.59 7.56 -3.94
CA ASN B 25 17.64 6.59 -3.68
C ASN B 25 18.59 7.07 -2.61
N PHE B 26 18.04 7.76 -1.60
CA PHE B 26 18.81 8.11 -0.42
C PHE B 26 18.63 7.06 0.69
N LYS B 27 19.75 6.53 1.19
CA LYS B 27 19.70 5.54 2.22
C LYS B 27 20.21 6.11 3.51
N VAL B 28 19.35 6.12 4.52
CA VAL B 28 19.74 6.57 5.86
C VAL B 28 20.34 5.42 6.67
N ASP B 29 21.66 5.42 6.83
CA ASP B 29 22.33 4.42 7.66
C ASP B 29 22.33 4.86 9.11
N SER B 30 22.25 6.17 9.34
CA SER B 30 22.24 6.68 10.71
C SER B 30 21.63 8.06 10.71
N ILE B 31 21.08 8.44 11.84
CA ILE B 31 20.38 9.69 11.95
C ILE B 31 20.22 10.06 13.42
N GLU B 32 20.64 11.27 13.76
CA GLU B 32 20.43 11.82 15.07
C GLU B 32 20.00 13.29 14.99
N ILE B 33 19.31 13.73 16.04
CA ILE B 33 18.93 15.10 16.18
C ILE B 33 20.16 15.92 16.58
N ILE B 34 20.44 16.97 15.83
CA ILE B 34 21.60 17.80 16.09
C ILE B 34 21.18 19.16 16.62
N GLY B 35 19.99 19.60 16.29
CA GLY B 35 19.40 20.74 16.94
C GLY B 35 17.91 20.87 16.68
N SER B 36 17.28 21.81 17.36
CA SER B 36 15.86 22.07 17.13
C SER B 36 15.44 23.44 17.64
N GLY B 37 14.66 24.13 16.82
CA GLY B 37 13.99 25.34 17.28
C GLY B 37 12.67 24.96 17.92
N TYR B 38 11.77 25.93 18.05
CA TYR B 38 10.44 25.62 18.59
C TYR B 38 9.54 25.16 17.45
N ASP B 39 9.97 25.31 16.19
CA ASP B 39 9.17 24.80 15.08
C ASP B 39 9.98 24.29 13.89
N SER B 40 11.17 23.83 14.18
CA SER B 40 11.98 23.14 13.21
C SER B 40 12.84 22.13 13.96
N VAL B 41 13.31 21.15 13.22
CA VAL B 41 14.21 20.17 13.75
C VAL B 41 15.26 19.93 12.70
N ALA B 42 16.50 19.92 13.15
CA ALA B 42 17.63 19.54 12.30
C ALA B 42 18.26 18.19 12.72
N TYR B 43 18.67 17.44 11.72
CA TYR B 43 19.20 16.10 11.85
C TYR B 43 20.56 15.95 11.21
N LEU B 44 21.45 15.21 11.85
CA LEU B 44 22.71 14.78 11.23
C LEU B 44 22.55 13.36 10.73
N VAL B 45 22.75 13.18 9.44
CA VAL B 45 22.42 11.94 8.76
C VAL B 45 23.67 11.35 8.13
N ASN B 46 23.89 10.06 8.39
CA ASN B 46 25.08 9.35 7.91
C ASN B 46 26.39 10.01 8.32
N ASN B 47 26.34 10.78 9.40
CA ASN B 47 27.47 11.58 9.87
C ASN B 47 28.05 12.54 8.85
N GLU B 48 27.24 12.96 7.91
CA GLU B 48 27.73 13.60 6.69
C GLU B 48 26.82 14.73 6.19
N TYR B 49 25.50 14.56 6.32
CA TYR B 49 24.50 15.48 5.80
C TYR B 49 23.69 16.10 6.91
N ILE B 50 23.41 17.40 6.79
CA ILE B 50 22.46 18.10 7.62
C ILE B 50 21.17 18.10 6.85
N PHE B 51 20.08 17.75 7.55
CA PHE B 51 18.75 17.86 7.03
C PHE B 51 17.94 18.74 7.98
N LYS B 52 17.55 19.93 7.48
CA LYS B 52 16.72 20.85 8.22
C LYS B 52 15.30 20.52 7.82
N THR B 53 14.40 20.47 8.80
CA THR B 53 13.03 20.17 8.45
C THR B 53 12.08 21.05 9.21
N LYS B 54 10.96 21.31 8.58
CA LYS B 54 9.96 22.14 9.18
C LYS B 54 8.58 21.67 8.73
N PHE B 55 7.61 21.67 9.64
CA PHE B 55 6.24 21.47 9.26
C PHE B 55 5.52 22.84 9.20
N SER B 56 5.35 23.34 7.99
CA SER B 56 4.70 24.65 7.69
C SER B 56 3.18 24.66 7.93
N GLY B 62 8.74 29.71 2.97
CA GLY B 62 9.54 29.35 4.17
C GLY B 62 10.90 28.81 3.77
N TYR B 63 11.04 27.47 3.67
CA TYR B 63 12.34 26.96 3.16
C TYR B 63 12.58 27.29 1.67
N ALA B 64 11.56 27.72 0.96
CA ALA B 64 11.73 28.17 -0.40
C ALA B 64 12.67 29.37 -0.52
N LYS B 65 12.50 30.37 0.34
CA LYS B 65 13.37 31.54 0.27
C LYS B 65 14.79 31.21 0.68
N GLU B 66 14.92 30.45 1.75
CA GLU B 66 16.20 30.06 2.28
C GLU B 66 16.97 29.32 1.20
N LYS B 67 16.29 28.43 0.50
CA LYS B 67 16.90 27.74 -0.61
C LYS B 67 17.34 28.67 -1.74
N ALA B 68 16.49 29.62 -2.09
CA ALA B 68 16.79 30.57 -3.15
C ALA B 68 18.01 31.38 -2.75
N ILE B 69 18.15 31.64 -1.46
CA ILE B 69 19.31 32.37 -0.99
C ILE B 69 20.61 31.59 -1.02
N TYR B 70 20.62 30.33 -0.57
CA TYR B 70 21.83 29.50 -0.73
C TYR B 70 22.23 29.38 -2.22
N ASN B 71 21.24 29.23 -3.08
CA ASN B 71 21.49 29.06 -4.48
C ASN B 71 22.12 30.37 -5.03
N PHE B 72 21.49 31.51 -4.75
CA PHE B 72 22.02 32.79 -5.14
C PHE B 72 23.44 33.00 -4.65
N LEU B 73 23.68 32.70 -3.37
CA LEU B 73 25.00 32.94 -2.79
C LEU B 73 26.06 32.01 -3.34
N ASN B 74 25.74 30.73 -3.57
CA ASN B 74 26.76 29.77 -4.02
C ASN B 74 27.13 30.06 -5.45
N THR B 75 26.22 30.69 -6.17
CA THR B 75 26.54 31.25 -7.48
C THR B 75 27.47 32.50 -7.41
N ASN B 76 27.17 33.45 -6.53
CA ASN B 76 27.76 34.80 -6.63
C ASN B 76 28.81 35.15 -5.62
N LEU B 77 28.85 34.50 -4.47
CA LEU B 77 29.94 34.80 -3.53
C LEU B 77 31.26 34.20 -3.97
N GLU B 78 32.32 35.00 -3.98
CA GLU B 78 33.68 34.46 -4.04
C GLU B 78 34.30 34.58 -2.65
N THR B 79 34.48 33.45 -1.97
CA THR B 79 34.95 33.47 -0.60
C THR B 79 35.43 32.09 -0.26
N ASN B 80 36.34 31.98 0.70
CA ASN B 80 36.72 30.66 1.23
C ASN B 80 35.82 30.19 2.33
N VAL B 81 34.96 31.05 2.82
CA VAL B 81 34.10 30.67 3.91
C VAL B 81 33.00 29.79 3.34
N LYS B 82 32.78 28.65 3.98
CA LYS B 82 31.78 27.72 3.47
C LYS B 82 30.39 28.09 3.96
N ILE B 83 29.41 27.87 3.10
CA ILE B 83 28.01 27.99 3.48
C ILE B 83 27.24 26.77 2.99
N PRO B 84 26.01 26.57 3.49
CA PRO B 84 25.27 25.38 3.03
C PRO B 84 25.10 25.39 1.54
N ASN B 85 25.26 24.21 0.96
CA ASN B 85 25.03 24.02 -0.45
C ASN B 85 23.99 22.86 -0.66
N ILE B 86 22.82 23.27 -1.09
CA ILE B 86 21.68 22.40 -1.06
C ILE B 86 21.73 21.34 -2.11
N GLU B 87 21.79 20.09 -1.69
CA GLU B 87 21.73 18.94 -2.62
C GLU B 87 20.34 18.31 -2.66
N TYR B 88 19.61 18.36 -1.55
CA TYR B 88 18.26 17.78 -1.49
C TYR B 88 17.29 18.82 -1.01
N SER B 89 16.14 18.90 -1.65
CA SER B 89 15.11 19.76 -1.12
C SER B 89 13.74 19.27 -1.52
N TYR B 90 12.81 19.43 -0.58
CA TYR B 90 11.41 19.15 -0.82
C TYR B 90 10.66 20.27 -0.16
N ILE B 91 9.79 20.93 -0.92
CA ILE B 91 9.12 22.12 -0.42
C ILE B 91 7.66 22.03 -0.71
N SER B 92 6.83 22.09 0.32
CA SER B 92 5.37 22.06 0.15
C SER B 92 4.80 22.92 1.24
N ASP B 93 3.50 23.15 1.20
CA ASP B 93 2.92 24.06 2.18
C ASP B 93 3.03 23.50 3.57
N GLU B 94 3.01 22.18 3.68
CA GLU B 94 2.86 21.52 4.95
C GLU B 94 4.17 20.97 5.48
N LEU B 95 5.15 20.82 4.59
CA LEU B 95 6.43 20.20 4.96
C LEU B 95 7.57 20.76 4.09
N SER B 96 8.70 21.11 4.72
CA SER B 96 9.88 21.48 3.97
C SER B 96 11.12 20.84 4.56
N ILE B 97 11.95 20.35 3.66
CA ILE B 97 13.19 19.69 4.01
C ILE B 97 14.30 20.23 3.11
N LEU B 98 15.43 20.58 3.72
CA LEU B 98 16.64 20.95 2.99
C LEU B 98 17.79 20.09 3.45
N GLY B 99 18.49 19.50 2.50
CA GLY B 99 19.65 18.68 2.82
C GLY B 99 20.94 19.17 2.17
N TYR B 100 22.01 19.20 2.96
CA TYR B 100 23.30 19.67 2.49
C TYR B 100 24.39 19.01 3.31
N LYS B 101 25.62 18.99 2.80
CA LYS B 101 26.74 18.39 3.52
C LYS B 101 27.12 19.22 4.72
N GLU B 102 27.30 18.56 5.84
CA GLU B 102 27.66 19.22 7.10
C GLU B 102 28.94 20.03 6.92
N ILE B 103 28.92 21.29 7.33
CA ILE B 103 30.16 22.05 7.39
C ILE B 103 30.85 21.65 8.68
N LYS B 104 32.08 21.21 8.55
CA LYS B 104 32.85 20.71 9.67
C LYS B 104 33.53 21.86 10.40
N GLY B 105 33.45 21.82 11.71
CA GLY B 105 34.14 22.83 12.52
C GLY B 105 33.51 22.92 13.87
N THR B 106 33.96 23.92 14.64
CA THR B 106 33.49 24.19 16.00
C THR B 106 32.80 25.56 16.06
N PHE B 107 31.67 25.63 16.74
CA PHE B 107 30.95 26.87 16.80
C PHE B 107 31.62 27.86 17.72
N LEU B 108 31.64 29.10 17.30
CA LEU B 108 32.23 30.16 18.09
C LEU B 108 31.44 30.39 19.34
N THR B 109 32.10 30.56 20.46
CA THR B 109 31.46 30.93 21.74
C THR B 109 32.33 31.94 22.44
N PRO B 110 31.77 32.65 23.41
CA PRO B 110 32.57 33.54 24.27
C PRO B 110 33.76 32.84 24.92
N GLU B 111 33.55 31.63 25.40
CA GLU B 111 34.60 30.90 26.08
C GLU B 111 35.76 30.68 25.13
N ILE B 112 35.45 30.22 23.93
CA ILE B 112 36.50 29.90 22.97
C ILE B 112 37.28 31.17 22.58
N TYR B 113 36.54 32.24 22.32
CA TYR B 113 37.12 33.54 21.94
C TYR B 113 38.10 34.03 22.99
N SER B 114 37.76 33.85 24.26
CA SER B 114 38.60 34.30 25.36
C SER B 114 39.92 33.51 25.44
N THR B 115 39.91 32.33 24.83
CA THR B 115 41.02 31.42 24.62
C THR B 115 41.99 31.79 23.49
N MET B 116 41.50 32.57 22.54
CA MET B 116 42.27 32.86 21.36
C MET B 116 43.35 33.90 21.62
N SER B 117 44.47 33.76 20.94
CA SER B 117 45.52 34.76 21.01
C SER B 117 45.00 36.04 20.42
N GLU B 118 45.62 37.16 20.77
CA GLU B 118 45.18 38.46 20.26
C GLU B 118 45.17 38.46 18.73
N GLU B 119 46.16 37.79 18.13
CA GLU B 119 46.29 37.71 16.68
C GLU B 119 45.15 36.88 16.09
N GLU B 120 44.88 35.71 16.69
CA GLU B 120 43.75 34.89 16.27
C GLU B 120 42.41 35.64 16.31
N GLN B 121 42.21 36.42 17.35
CA GLN B 121 41.01 37.24 17.43
C GLN B 121 40.94 38.28 16.32
N ASN B 122 42.05 38.97 16.08
CA ASN B 122 42.11 39.98 15.07
C ASN B 122 41.77 39.41 13.68
N LEU B 123 42.33 38.24 13.37
CA LEU B 123 42.09 37.58 12.11
C LEU B 123 40.60 37.21 11.98
N LEU B 124 40.02 36.70 13.06
CA LEU B 124 38.65 36.36 13.05
C LEU B 124 37.79 37.58 12.76
N LYS B 125 38.12 38.71 13.39
CA LYS B 125 37.36 39.92 13.18
C LYS B 125 37.47 40.44 11.77
N ARG B 126 38.67 40.36 11.21
CA ARG B 126 38.85 40.73 9.84
C ARG B 126 38.09 39.79 8.90
N ASP B 127 38.07 38.51 9.23
CA ASP B 127 37.43 37.53 8.38
C ASP B 127 35.95 37.83 8.32
N ILE B 128 35.38 38.17 9.46
CA ILE B 128 33.98 38.46 9.54
C ILE B 128 33.68 39.76 8.76
N ALA B 129 34.44 40.80 9.02
CA ALA B 129 34.20 42.07 8.35
C ALA B 129 34.29 41.87 6.85
N SER B 130 35.24 41.08 6.45
CA SER B 130 35.41 40.83 5.03
C SER B 130 34.25 40.03 4.42
N PHE B 131 33.76 39.02 5.14
CA PHE B 131 32.63 38.24 4.65
C PHE B 131 31.41 39.15 4.48
N LEU B 132 31.08 39.90 5.52
CA LEU B 132 29.93 40.81 5.48
C LEU B 132 30.08 41.85 4.38
N ARG B 133 31.28 42.37 4.20
CA ARG B 133 31.49 43.38 3.19
C ARG B 133 31.17 42.78 1.83
N GLN B 134 31.66 41.58 1.57
CA GLN B 134 31.38 40.97 0.29
C GLN B 134 29.90 40.63 0.09
N MET B 135 29.23 40.17 1.13
CA MET B 135 27.83 39.80 0.97
C MET B 135 26.98 41.05 0.78
N HIS B 136 27.19 42.04 1.64
CA HIS B 136 26.41 43.27 1.57
C HIS B 136 26.64 44.03 0.26
N GLY B 137 27.77 43.75 -0.39
CA GLY B 137 28.07 44.36 -1.66
C GLY B 137 27.49 43.68 -2.86
N LEU B 138 26.71 42.62 -2.72
CA LEU B 138 26.24 41.92 -3.89
C LEU B 138 25.06 42.59 -4.55
N ASP B 139 25.06 42.52 -5.89
CA ASP B 139 23.91 42.93 -6.67
C ASP B 139 22.81 41.88 -6.44
N TYR B 140 21.71 42.32 -5.82
CA TYR B 140 20.68 41.42 -5.35
C TYR B 140 19.46 41.39 -6.28
N THR B 141 19.61 41.83 -7.51
CA THR B 141 18.50 41.92 -8.45
C THR B 141 17.79 40.57 -8.61
N ASP B 142 18.61 39.54 -8.78
CA ASP B 142 18.12 38.19 -8.99
C ASP B 142 17.30 37.57 -7.84
N ILE B 143 17.40 38.12 -6.63
CA ILE B 143 16.56 37.69 -5.52
C ILE B 143 15.78 38.85 -4.95
N SER B 144 15.38 39.77 -5.80
CA SER B 144 14.85 41.04 -5.31
C SER B 144 13.47 40.94 -4.65
N GLU B 145 12.80 39.82 -4.85
CA GLU B 145 11.55 39.54 -4.14
C GLU B 145 11.75 39.14 -2.65
N CYS B 146 12.99 38.83 -2.25
CA CYS B 146 13.28 38.46 -0.87
C CYS B 146 13.53 39.67 0.02
N THR B 147 12.69 40.70 -0.10
CA THR B 147 12.78 41.89 0.76
C THR B 147 12.14 41.68 2.09
N ILE B 148 12.62 42.43 3.06
CA ILE B 148 12.07 42.37 4.42
C ILE B 148 12.00 43.76 4.96
N ASP B 149 10.81 44.16 5.41
CA ASP B 149 10.56 45.45 6.02
C ASP B 149 10.28 45.27 7.52
N ASN B 150 11.28 45.48 8.34
CA ASN B 150 11.14 45.24 9.76
C ASN B 150 10.10 46.13 10.42
N LYS B 151 10.02 47.36 9.98
CA LYS B 151 9.08 48.30 10.56
C LYS B 151 7.64 47.88 10.28
N GLN B 152 7.34 47.56 9.02
CA GLN B 152 6.03 47.09 8.64
C GLN B 152 5.66 45.78 9.34
N ASN B 153 6.60 44.86 9.47
CA ASN B 153 6.35 43.63 10.23
C ASN B 153 5.88 43.91 11.65
N VAL B 154 6.56 44.83 12.29
CA VAL B 154 6.23 45.19 13.66
C VAL B 154 4.84 45.81 13.69
N LEU B 155 4.54 46.66 12.72
CA LEU B 155 3.21 47.23 12.71
C LEU B 155 2.14 46.17 12.56
N GLU B 156 2.36 45.19 11.72
CA GLU B 156 1.38 44.11 11.51
C GLU B 156 1.22 43.29 12.78
N GLU B 157 2.34 43.04 13.46
CA GLU B 157 2.29 42.37 14.76
C GLU B 157 1.55 43.18 15.80
N TYR B 158 1.73 44.49 15.77
CA TYR B 158 1.06 45.35 16.74
C TYR B 158 -0.44 45.28 16.49
N ILE B 159 -0.85 45.22 15.24
CA ILE B 159 -2.27 45.19 14.90
C ILE B 159 -2.90 43.89 15.38
N LEU B 160 -2.17 42.80 15.21
CA LEU B 160 -2.58 41.53 15.74
C LEU B 160 -2.81 41.61 17.25
N LEU B 161 -1.89 42.24 17.99
CA LEU B 161 -2.08 42.44 19.42
C LEU B 161 -3.36 43.16 19.72
N ARG B 162 -3.64 44.22 18.97
CA ARG B 162 -4.82 45.01 19.22
C ARG B 162 -6.05 44.19 18.94
N GLU B 163 -5.96 43.28 17.96
CA GLU B 163 -7.08 42.41 17.57
C GLU B 163 -7.35 41.26 18.54
N THR B 164 -6.36 40.94 19.36
CA THR B 164 -6.42 39.81 20.25
C THR B 164 -6.41 40.25 21.73
N ILE B 165 -5.24 40.23 22.36
CA ILE B 165 -5.17 40.38 23.81
C ILE B 165 -4.90 41.77 24.40
N TYR B 166 -4.72 42.79 23.57
CA TYR B 166 -4.22 44.07 24.05
C TYR B 166 -5.07 44.64 25.15
N ASN B 167 -6.37 44.52 25.05
CA ASN B 167 -7.23 45.14 26.05
C ASN B 167 -7.20 44.46 27.37
N ASP B 168 -6.69 43.24 27.41
CA ASP B 168 -6.54 42.54 28.66
C ASP B 168 -5.19 42.72 29.29
N LEU B 169 -4.31 43.52 28.69
CA LEU B 169 -2.97 43.72 29.27
C LEU B 169 -3.04 44.76 30.38
N THR B 170 -2.08 44.72 31.28
CA THR B 170 -2.05 45.72 32.36
C THR B 170 -1.57 47.05 31.81
N ASP B 171 -1.71 48.11 32.61
CA ASP B 171 -1.25 49.43 32.21
C ASP B 171 0.26 49.40 32.04
N ILE B 172 0.99 48.76 32.95
CA ILE B 172 2.43 48.65 32.83
C ILE B 172 2.84 48.02 31.50
N GLU B 173 2.10 47.01 31.07
CA GLU B 173 2.41 46.33 29.82
C GLU B 173 2.07 47.21 28.61
N LYS B 174 0.90 47.84 28.67
CA LYS B 174 0.53 48.78 27.65
C LYS B 174 1.54 49.92 27.52
N ASP B 175 1.98 50.49 28.63
CA ASP B 175 2.97 51.56 28.58
C ASP B 175 4.24 51.09 27.89
N TYR B 176 4.71 49.89 28.22
CA TYR B 176 5.93 49.36 27.58
C TYR B 176 5.74 49.28 26.06
N ILE B 177 4.60 48.77 25.64
CA ILE B 177 4.37 48.57 24.24
C ILE B 177 4.25 49.88 23.51
N GLU B 178 3.50 50.82 24.08
CA GLU B 178 3.23 52.12 23.40
C GLU B 178 4.50 52.93 23.32
N SER B 179 5.29 52.81 24.34
CA SER B 179 6.52 53.54 24.39
C SER B 179 7.46 53.02 23.32
N PHE B 180 7.47 51.70 23.11
CA PHE B 180 8.24 51.13 22.04
C PHE B 180 7.75 51.64 20.67
N MET B 181 6.43 51.69 20.47
CA MET B 181 5.86 52.06 19.19
C MET B 181 6.15 53.52 18.92
N GLU B 182 6.10 54.34 19.95
CA GLU B 182 6.46 55.77 19.80
C GLU B 182 7.92 55.86 19.33
N ARG B 183 8.80 55.10 19.96
CA ARG B 183 10.19 55.08 19.55
C ARG B 183 10.37 54.59 18.12
N LEU B 184 9.67 53.54 17.75
CA LEU B 184 9.74 53.03 16.38
C LEU B 184 9.32 54.04 15.33
N ASN B 185 8.33 54.83 15.66
CA ASN B 185 7.81 55.83 14.77
C ASN B 185 8.74 56.98 14.57
N ALA B 186 9.55 57.28 15.59
CA ALA B 186 10.44 58.44 15.56
C ALA B 186 11.83 58.13 15.03
N THR B 187 12.29 56.89 15.13
CA THR B 187 13.66 56.56 14.72
C THR B 187 13.91 56.71 13.23
N THR B 188 15.18 56.90 12.91
CA THR B 188 15.62 57.09 11.54
C THR B 188 16.48 55.94 11.10
N VAL B 189 16.66 54.93 11.96
CA VAL B 189 17.55 53.85 11.61
C VAL B 189 17.07 52.96 10.47
N PHE B 190 15.86 53.14 9.96
CA PHE B 190 15.42 52.37 8.76
C PHE B 190 15.64 53.10 7.43
N GLU B 191 16.28 54.24 7.46
CA GLU B 191 16.37 55.09 6.27
C GLU B 191 17.72 54.98 5.62
N GLY B 192 18.50 53.98 6.02
CA GLY B 192 19.85 53.78 5.51
C GLY B 192 19.91 52.76 4.38
N LYS B 193 21.14 52.30 4.13
CA LYS B 193 21.41 51.37 3.05
C LYS B 193 20.70 50.03 3.30
N LYS B 194 20.10 49.51 2.24
CA LYS B 194 19.51 48.19 2.18
C LYS B 194 20.40 47.26 1.38
N CYS B 195 20.53 46.04 1.83
CA CYS B 195 21.32 45.06 1.11
C CYS B 195 21.01 43.69 1.63
N LEU B 196 21.59 42.69 0.97
CA LEU B 196 21.39 41.31 1.37
C LEU B 196 22.17 40.99 2.64
N CYS B 197 21.45 40.61 3.70
CA CYS B 197 21.99 40.35 5.00
C CYS B 197 21.64 38.95 5.46
N HIS B 198 22.54 38.38 6.24
CA HIS B 198 22.34 37.09 6.84
C HIS B 198 21.09 37.16 7.73
N ASN B 199 21.08 38.18 8.57
CA ASN B 199 19.95 38.59 9.40
C ASN B 199 19.69 37.69 10.61
N ASP B 200 20.67 36.89 10.98
CA ASP B 200 20.64 36.18 12.27
C ASP B 200 22.10 35.87 12.59
N PHE B 201 22.94 36.90 12.49
CA PHE B 201 24.38 36.72 12.45
C PHE B 201 24.95 36.71 13.87
N SER B 202 24.71 35.62 14.56
CA SER B 202 25.17 35.44 15.93
C SER B 202 26.28 34.42 15.95
N CYS B 203 26.99 34.35 17.05
CA CYS B 203 28.05 33.35 17.33
C CYS B 203 27.74 31.94 16.96
N ASN B 204 26.53 31.53 17.39
CA ASN B 204 26.14 30.12 17.22
C ASN B 204 25.89 29.73 15.75
N HIS B 205 26.08 30.66 14.82
CA HIS B 205 26.06 30.30 13.41
C HIS B 205 27.43 30.46 12.72
N LEU B 206 28.48 30.65 13.50
CA LEU B 206 29.78 30.83 12.94
C LEU B 206 30.66 29.67 13.32
N LEU B 207 31.29 29.05 12.31
CA LEU B 207 32.11 27.89 12.52
C LEU B 207 33.60 28.21 12.36
N LEU B 208 34.40 27.71 13.30
CA LEU B 208 35.84 27.79 13.26
C LEU B 208 36.50 26.47 12.89
N ASP B 209 37.63 26.56 12.21
CA ASP B 209 38.44 25.38 11.93
C ASP B 209 39.42 25.15 13.07
N GLY B 210 40.29 24.15 12.96
CA GLY B 210 41.29 23.82 14.01
C GLY B 210 42.35 24.88 14.35
N ASN B 211 42.50 25.88 13.49
CA ASN B 211 43.35 27.06 13.73
C ASN B 211 42.56 28.30 14.24
N ASN B 212 41.29 28.16 14.58
CA ASN B 212 40.42 29.25 15.03
C ASN B 212 40.17 30.29 13.97
N ARG B 213 40.23 29.90 12.70
CA ARG B 213 39.89 30.78 11.61
C ARG B 213 38.44 30.51 11.29
N LEU B 214 37.76 31.52 10.77
CA LEU B 214 36.40 31.38 10.35
C LEU B 214 36.37 30.46 9.16
N THR B 215 35.69 29.34 9.27
CA THR B 215 35.65 28.37 8.18
C THR B 215 34.28 28.21 7.54
N GLY B 216 33.23 28.51 8.27
CA GLY B 216 31.89 28.41 7.71
C GLY B 216 30.85 29.24 8.44
N ILE B 217 29.75 29.47 7.75
CA ILE B 217 28.59 30.20 8.27
C ILE B 217 27.31 29.48 7.86
N ILE B 218 26.36 29.37 8.78
CA ILE B 218 25.14 28.63 8.55
C ILE B 218 23.90 29.47 8.85
N ASP B 219 22.76 28.88 8.54
CA ASP B 219 21.43 29.40 8.86
C ASP B 219 21.20 30.79 8.27
N PHE B 220 21.10 30.82 6.94
CA PHE B 220 20.67 31.98 6.20
C PHE B 220 19.15 31.93 6.07
N GLY B 221 18.47 31.21 6.99
CA GLY B 221 17.02 31.11 7.00
C GLY B 221 16.20 32.36 7.31
N ASP B 222 16.81 33.43 7.82
CA ASP B 222 16.10 34.68 7.98
C ASP B 222 16.63 35.73 7.03
N SER B 223 17.53 35.34 6.13
CA SER B 223 18.17 36.28 5.22
C SER B 223 17.21 36.99 4.28
N GLY B 224 17.58 38.20 3.89
CA GLY B 224 16.82 38.91 2.93
C GLY B 224 17.42 40.26 2.69
N ILE B 225 16.76 41.03 1.84
CA ILE B 225 17.20 42.36 1.55
C ILE B 225 16.60 43.25 2.62
N ILE B 226 17.45 43.86 3.41
CA ILE B 226 17.05 44.54 4.64
C ILE B 226 18.14 45.59 5.00
N ASP B 227 17.96 46.33 6.09
CA ASP B 227 18.96 47.29 6.52
C ASP B 227 20.31 46.62 6.78
N GLU B 228 21.34 47.19 6.18
CA GLU B 228 22.71 46.87 6.48
C GLU B 228 22.98 46.68 7.97
N TYR B 229 22.40 47.55 8.81
CA TYR B 229 22.64 47.48 10.26
C TYR B 229 22.31 46.10 10.87
N CYS B 230 21.40 45.38 10.23
CA CYS B 230 20.88 44.14 10.76
C CYS B 230 21.97 43.12 11.09
N ASP B 231 23.02 43.01 10.27
CA ASP B 231 24.01 42.00 10.51
C ASP B 231 24.95 42.30 11.65
N PHE B 232 24.75 43.42 12.37
CA PHE B 232 25.64 43.73 13.51
C PHE B 232 24.91 43.70 14.83
N ILE B 233 23.65 43.36 14.80
CA ILE B 233 22.83 43.33 15.99
C ILE B 233 23.41 42.44 17.07
N TYR B 234 23.91 41.25 16.69
CA TYR B 234 24.35 40.28 17.69
C TYR B 234 25.82 40.44 17.97
N LEU B 235 26.56 40.87 16.96
CA LEU B 235 27.94 41.28 17.19
C LEU B 235 28.04 42.38 18.21
N LEU B 236 27.05 43.26 18.27
CA LEU B 236 27.04 44.33 19.27
C LEU B 236 26.40 43.98 20.62
N GLU B 237 25.82 42.78 20.73
CA GLU B 237 25.06 42.41 21.91
C GLU B 237 25.95 42.09 23.10
N ASP B 238 25.51 42.57 24.25
CA ASP B 238 26.11 42.26 25.54
C ASP B 238 25.23 41.20 26.23
N SER B 239 25.70 39.95 26.28
CA SER B 239 24.94 38.85 26.89
C SER B 239 25.81 37.63 27.06
N GLU B 240 25.32 36.63 27.77
CA GLU B 240 26.07 35.41 27.96
C GLU B 240 26.33 34.67 26.65
N GLU B 241 25.38 34.72 25.72
CA GLU B 241 25.49 34.01 24.46
C GLU B 241 26.44 34.63 23.44
N GLU B 242 26.68 35.93 23.54
CA GLU B 242 27.51 36.63 22.55
C GLU B 242 28.80 37.15 23.18
N ILE B 243 29.70 37.63 22.33
CA ILE B 243 31.06 37.95 22.74
C ILE B 243 31.18 39.26 23.45
N GLY B 244 30.58 40.31 22.89
CA GLY B 244 30.51 41.58 23.60
C GLY B 244 30.49 42.77 22.64
N THR B 245 30.00 43.89 23.15
CA THR B 245 29.93 45.11 22.38
C THR B 245 31.24 45.51 21.67
N ASN B 246 32.40 45.34 22.32
CA ASN B 246 33.70 45.78 21.77
C ASN B 246 34.11 44.99 20.54
N PHE B 247 33.73 43.70 20.54
CA PHE B 247 33.89 42.81 19.40
C PHE B 247 33.19 43.40 18.18
N GLY B 248 31.93 43.74 18.35
CA GLY B 248 31.14 44.30 17.25
C GLY B 248 31.65 45.67 16.81
N GLU B 249 32.05 46.47 17.79
CA GLU B 249 32.59 47.79 17.48
C GLU B 249 33.83 47.70 16.60
N ASP B 250 34.76 46.81 16.96
CA ASP B 250 35.99 46.63 16.19
C ASP B 250 35.69 46.13 14.80
N ILE B 251 34.73 45.22 14.71
CA ILE B 251 34.33 44.68 13.43
C ILE B 251 33.69 45.78 12.56
N LEU B 252 32.85 46.61 13.14
CA LEU B 252 32.29 47.76 12.43
C LEU B 252 33.41 48.72 11.94
N ARG B 253 34.43 48.98 12.73
CA ARG B 253 35.55 49.80 12.24
C ARG B 253 36.26 49.15 11.07
N MET B 254 36.51 47.84 11.15
CA MET B 254 37.19 47.14 10.06
C MET B 254 36.31 47.14 8.84
N TYR B 255 35.01 46.97 9.04
CA TYR B 255 34.07 46.90 7.92
C TYR B 255 34.03 48.25 7.20
N GLY B 256 34.03 49.34 7.98
CA GLY B 256 34.09 50.72 7.46
C GLY B 256 32.80 51.27 6.86
N ASN B 257 32.73 52.58 6.74
CA ASN B 257 31.63 53.26 6.03
C ASN B 257 30.28 52.90 6.57
N ILE B 258 30.15 53.07 7.87
CA ILE B 258 28.88 52.77 8.51
C ILE B 258 28.83 53.49 9.85
N ASP B 259 27.68 54.09 10.13
CA ASP B 259 27.45 54.86 11.30
C ASP B 259 27.29 53.90 12.50
N ILE B 260 28.31 53.84 13.33
CA ILE B 260 28.36 52.95 14.46
C ILE B 260 27.27 53.24 15.50
N GLU B 261 26.95 54.50 15.70
CA GLU B 261 25.95 54.88 16.71
C GLU B 261 24.55 54.45 16.28
N LYS B 262 24.29 54.55 14.98
CA LYS B 262 23.02 54.08 14.42
C LYS B 262 22.93 52.57 14.41
N ALA B 263 24.03 51.88 14.12
CA ALA B 263 24.03 50.44 14.28
C ALA B 263 23.62 50.07 15.71
N LYS B 264 24.10 50.81 16.68
CA LYS B 264 23.79 50.52 18.07
C LYS B 264 22.38 50.87 18.40
N GLU B 265 21.89 51.96 17.82
CA GLU B 265 20.50 52.33 18.02
C GLU B 265 19.59 51.21 17.48
N TYR B 266 19.91 50.71 16.30
CA TYR B 266 19.16 49.62 15.69
C TYR B 266 19.13 48.43 16.64
N GLN B 267 20.28 48.07 17.14
CA GLN B 267 20.39 46.96 18.02
C GLN B 267 19.55 47.17 19.27
N ASP B 268 19.58 48.37 19.80
CA ASP B 268 18.89 48.64 21.05
C ASP B 268 17.36 48.54 20.88
N ILE B 269 16.90 48.95 19.70
CA ILE B 269 15.50 48.91 19.36
C ILE B 269 15.00 47.46 19.22
N VAL B 270 15.79 46.64 18.54
CA VAL B 270 15.50 45.24 18.42
C VAL B 270 15.45 44.58 19.79
N GLU B 271 16.38 44.95 20.66
CA GLU B 271 16.39 44.41 22.04
C GLU B 271 15.14 44.85 22.78
N GLU B 272 14.74 46.12 22.61
CA GLU B 272 13.53 46.58 23.28
C GLU B 272 12.30 45.77 22.86
N TYR B 273 12.31 45.37 21.60
CA TYR B 273 11.16 44.66 21.03
C TYR B 273 11.01 43.20 21.49
N TYR B 274 12.08 42.61 21.99
CA TYR B 274 12.12 41.17 22.24
C TYR B 274 10.92 40.59 23.03
N PRO B 275 10.54 41.21 24.15
CA PRO B 275 9.37 40.69 24.89
C PRO B 275 8.06 40.74 24.13
N ILE B 276 7.91 41.75 23.27
CA ILE B 276 6.69 41.90 22.53
C ILE B 276 6.66 40.83 21.46
N GLU B 277 7.80 40.61 20.83
CA GLU B 277 7.96 39.56 19.86
C GLU B 277 7.61 38.20 20.45
N THR B 278 8.07 37.99 21.67
CA THR B 278 7.82 36.76 22.40
C THR B 278 6.30 36.57 22.58
N ILE B 279 5.60 37.62 22.99
CA ILE B 279 4.16 37.56 23.18
C ILE B 279 3.44 37.26 21.90
N VAL B 280 3.85 37.93 20.85
CA VAL B 280 3.20 37.78 19.57
C VAL B 280 3.36 36.34 19.08
N TYR B 281 4.53 35.75 19.31
CA TYR B 281 4.79 34.39 18.86
C TYR B 281 3.80 33.47 19.59
N GLY B 282 3.60 33.72 20.89
CA GLY B 282 2.62 33.00 21.67
C GLY B 282 1.20 33.08 21.11
N ILE B 283 0.80 34.28 20.69
CA ILE B 283 -0.52 34.46 20.14
C ILE B 283 -0.67 33.70 18.82
N LYS B 284 0.27 33.94 17.91
CA LYS B 284 0.21 33.38 16.57
C LYS B 284 0.19 31.84 16.59
N ASN B 285 0.89 31.22 17.53
CA ASN B 285 1.07 29.79 17.59
C ASN B 285 0.27 29.15 18.74
N ILE B 286 -0.58 29.96 19.36
CA ILE B 286 -1.44 29.49 20.43
C ILE B 286 -0.60 28.79 21.48
N LYS B 287 0.38 29.50 22.02
CA LYS B 287 1.20 28.99 23.12
C LYS B 287 1.27 29.96 24.28
N GLN B 288 0.37 29.76 25.24
CA GLN B 288 0.25 30.61 26.40
C GLN B 288 1.59 30.85 27.08
N GLU B 289 2.41 29.82 27.14
CA GLU B 289 3.71 29.89 27.81
C GLU B 289 4.51 31.12 27.36
N PHE B 290 4.51 31.38 26.05
CA PHE B 290 5.25 32.51 25.50
C PHE B 290 4.59 33.85 25.79
N ILE B 291 3.26 33.87 25.75
CA ILE B 291 2.54 35.04 26.14
C ILE B 291 2.95 35.41 27.55
N GLU B 292 2.91 34.46 28.49
CA GLU B 292 3.26 34.77 29.86
C GLU B 292 4.74 35.13 30.04
N ASN B 293 5.66 34.41 29.38
CA ASN B 293 7.10 34.76 29.46
C ASN B 293 7.39 36.20 29.02
N GLY B 294 6.79 36.61 27.90
CA GLY B 294 7.01 37.94 27.38
C GLY B 294 6.46 38.99 28.33
N ARG B 295 5.25 38.77 28.85
CA ARG B 295 4.63 39.69 29.78
C ARG B 295 5.45 39.82 31.03
N LYS B 296 6.00 38.72 31.51
CA LYS B 296 6.82 38.74 32.72
C LYS B 296 8.12 39.45 32.46
N GLU B 297 8.69 39.31 31.26
CA GLU B 297 9.96 39.97 30.92
C GLU B 297 9.77 41.50 30.93
N ILE B 298 8.57 41.93 30.59
CA ILE B 298 8.23 43.34 30.62
C ILE B 298 8.28 43.88 32.06
N TYR B 299 7.66 43.12 32.99
CA TYR B 299 7.79 43.45 34.44
C TYR B 299 9.24 43.45 34.90
N LYS B 300 10.05 42.51 34.42
CA LYS B 300 11.44 42.47 34.83
C LYS B 300 12.18 43.72 34.36
N ARG B 301 11.95 44.10 33.11
CA ARG B 301 12.62 45.22 32.52
C ARG B 301 12.17 46.50 33.20
N THR B 302 10.87 46.58 33.51
CA THR B 302 10.32 47.77 34.16
C THR B 302 10.84 48.01 35.59
N TYR B 303 11.20 46.94 36.28
CA TYR B 303 11.66 47.06 37.68
C TYR B 303 13.19 47.00 37.86
N LYS B 304 13.98 46.77 36.81
CA LYS B 304 15.44 46.52 36.96
C LYS B 304 16.33 47.76 37.10
N ALA C 9 -4.37 -12.87 -21.63
CA ALA C 9 -3.14 -12.22 -21.10
C ALA C 9 -3.36 -11.50 -19.76
N THR C 10 -4.49 -10.79 -19.64
CA THR C 10 -4.71 -9.92 -18.47
C THR C 10 -5.20 -10.72 -17.22
N ASN C 11 -6.06 -11.72 -17.42
CA ASN C 11 -6.50 -12.58 -16.32
C ASN C 11 -5.34 -13.25 -15.63
N VAL C 12 -4.42 -13.70 -16.45
CA VAL C 12 -3.25 -14.38 -15.99
C VAL C 12 -2.37 -13.49 -15.13
N LYS C 13 -2.15 -12.25 -15.54
CA LYS C 13 -1.24 -11.33 -14.80
C LYS C 13 -1.76 -11.05 -13.39
N ALA C 14 -3.05 -10.79 -13.31
CA ALA C 14 -3.73 -10.58 -12.03
C ALA C 14 -3.64 -11.81 -11.11
N MET C 15 -3.88 -13.01 -11.65
CA MET C 15 -3.83 -14.20 -10.81
C MET C 15 -2.38 -14.47 -10.40
N LYS C 16 -1.44 -14.27 -11.33
CA LYS C 16 -0.03 -14.39 -10.98
C LYS C 16 0.32 -13.46 -9.83
N TYR C 17 -0.24 -12.27 -9.85
CA TYR C 17 -0.01 -11.34 -8.77
C TYR C 17 -0.59 -11.87 -7.45
N LEU C 18 -1.82 -12.34 -7.50
CA LEU C 18 -2.48 -12.84 -6.28
C LEU C 18 -1.76 -14.03 -5.68
N ILE C 19 -1.32 -14.94 -6.53
CA ILE C 19 -0.58 -16.11 -6.07
C ILE C 19 0.71 -15.67 -5.36
N GLU C 20 1.47 -14.76 -5.99
CA GLU C 20 2.74 -14.35 -5.40
C GLU C 20 2.51 -13.57 -4.13
N HIS C 21 1.38 -12.88 -4.06
CA HIS C 21 1.04 -12.05 -2.91
C HIS C 21 0.64 -12.90 -1.72
N TYR C 22 -0.26 -13.86 -1.94
CA TYR C 22 -0.76 -14.68 -0.84
C TYR C 22 0.15 -15.86 -0.46
N PHE C 23 0.98 -16.33 -1.38
CA PHE C 23 1.90 -17.42 -1.04
C PHE C 23 3.32 -16.90 -1.05
N ASP C 24 3.69 -16.42 0.14
CA ASP C 24 4.93 -15.71 0.44
C ASP C 24 6.10 -15.91 -0.53
N ASN C 25 6.65 -17.11 -0.61
CA ASN C 25 7.86 -17.34 -1.41
C ASN C 25 7.56 -18.21 -2.61
N PHE C 26 6.39 -18.03 -3.22
CA PHE C 26 6.09 -18.69 -4.48
C PHE C 26 6.42 -17.80 -5.69
N LYS C 27 7.22 -18.32 -6.62
CA LYS C 27 7.60 -17.56 -7.81
C LYS C 27 6.95 -18.16 -9.04
N VAL C 28 6.12 -17.40 -9.71
CA VAL C 28 5.45 -17.85 -10.92
C VAL C 28 6.35 -17.57 -12.14
N ASP C 29 6.98 -18.60 -12.68
CA ASP C 29 7.75 -18.50 -13.90
C ASP C 29 6.86 -18.62 -15.13
N SER C 30 5.73 -19.29 -15.01
CA SER C 30 4.79 -19.44 -16.13
C SER C 30 3.40 -19.76 -15.60
N ILE C 31 2.39 -19.39 -16.38
CA ILE C 31 1.01 -19.52 -15.95
C ILE C 31 0.06 -19.44 -17.13
N GLU C 32 -0.81 -20.44 -17.26
CA GLU C 32 -1.81 -20.47 -18.31
C GLU C 32 -3.12 -20.99 -17.77
N ILE C 33 -4.21 -20.62 -18.43
CA ILE C 33 -5.53 -21.09 -18.10
C ILE C 33 -5.72 -22.51 -18.62
N ILE C 34 -6.07 -23.43 -17.73
CA ILE C 34 -6.17 -24.82 -18.10
C ILE C 34 -7.62 -25.27 -18.08
N GLY C 35 -8.43 -24.57 -17.30
CA GLY C 35 -9.86 -24.73 -17.43
C GLY C 35 -10.63 -23.64 -16.71
N SER C 36 -11.95 -23.68 -16.85
CA SER C 36 -12.79 -22.75 -16.15
C SER C 36 -14.23 -23.25 -16.04
N GLY C 37 -14.84 -23.05 -14.89
CA GLY C 37 -16.26 -23.29 -14.72
C GLY C 37 -17.02 -22.02 -15.02
N TYR C 38 -18.24 -21.95 -14.52
CA TYR C 38 -19.05 -20.76 -14.74
C TYR C 38 -18.69 -19.66 -13.73
N ASP C 39 -18.03 -20.04 -12.65
CA ASP C 39 -17.61 -19.05 -11.67
C ASP C 39 -16.29 -19.39 -11.00
N SER C 40 -15.44 -20.08 -11.72
CA SER C 40 -14.12 -20.40 -11.24
C SER C 40 -13.20 -20.44 -12.43
N VAL C 41 -11.91 -20.28 -12.17
CA VAL C 41 -10.93 -20.42 -13.19
C VAL C 41 -9.75 -21.21 -12.62
N ALA C 42 -9.26 -22.16 -13.42
CA ALA C 42 -8.12 -22.98 -13.03
C ALA C 42 -6.92 -22.72 -13.92
N TYR C 43 -5.74 -22.71 -13.27
CA TYR C 43 -4.49 -22.29 -13.90
C TYR C 43 -3.43 -23.36 -13.73
N LEU C 44 -2.62 -23.57 -14.79
CA LEU C 44 -1.44 -24.39 -14.68
C LEU C 44 -0.27 -23.48 -14.51
N VAL C 45 0.46 -23.68 -13.43
CA VAL C 45 1.53 -22.80 -13.05
C VAL C 45 2.86 -23.54 -12.99
N ASN C 46 3.89 -22.94 -13.60
CA ASN C 46 5.25 -23.51 -13.71
C ASN C 46 5.24 -24.91 -14.29
N ASN C 47 4.22 -25.19 -15.09
CA ASN C 47 4.01 -26.49 -15.66
C ASN C 47 4.01 -27.59 -14.62
N GLU C 48 3.58 -27.29 -13.39
CA GLU C 48 3.79 -28.19 -12.25
C GLU C 48 2.66 -28.17 -11.22
N TYR C 49 2.06 -27.01 -11.02
CA TYR C 49 0.99 -26.83 -10.05
C TYR C 49 -0.31 -26.42 -10.69
N ILE C 50 -1.40 -26.96 -10.16
CA ILE C 50 -2.74 -26.49 -10.46
C ILE C 50 -3.13 -25.52 -9.36
N PHE C 51 -3.68 -24.36 -9.76
CA PHE C 51 -4.30 -23.39 -8.86
C PHE C 51 -5.74 -23.15 -9.29
N LYS C 52 -6.66 -23.59 -8.44
CA LYS C 52 -8.11 -23.40 -8.66
C LYS C 52 -8.45 -22.13 -7.96
N THR C 53 -9.20 -21.25 -8.61
CA THR C 53 -9.49 -19.97 -8.00
C THR C 53 -10.92 -19.59 -8.20
N LYS C 54 -11.45 -18.85 -7.23
CA LYS C 54 -12.86 -18.48 -7.23
C LYS C 54 -13.03 -17.15 -6.52
N PHE C 55 -13.88 -16.25 -7.02
CA PHE C 55 -14.21 -15.03 -6.28
C PHE C 55 -15.50 -15.11 -5.44
N LYS C 61 -18.97 -20.74 1.32
CA LYS C 61 -17.61 -21.08 1.87
C LYS C 61 -17.03 -22.28 1.06
N GLY C 62 -17.05 -22.10 -0.26
CA GLY C 62 -16.89 -23.21 -1.21
C GLY C 62 -15.61 -24.03 -1.13
N TYR C 63 -14.46 -23.35 -1.34
CA TYR C 63 -13.21 -24.09 -1.32
C TYR C 63 -12.78 -24.60 0.05
N ALA C 64 -13.38 -24.08 1.11
CA ALA C 64 -13.13 -24.63 2.42
C ALA C 64 -13.50 -26.13 2.53
N LYS C 65 -14.69 -26.52 2.05
CA LYS C 65 -15.14 -27.92 2.14
C LYS C 65 -14.30 -28.84 1.30
N GLU C 66 -14.03 -28.37 0.10
CA GLU C 66 -13.26 -29.15 -0.83
C GLU C 66 -11.89 -29.45 -0.24
N LYS C 67 -11.29 -28.43 0.37
CA LYS C 67 -10.03 -28.60 1.07
C LYS C 67 -10.15 -29.62 2.21
N ALA C 68 -11.21 -29.53 3.01
CA ALA C 68 -11.42 -30.48 4.10
C ALA C 68 -11.55 -31.92 3.59
N ILE C 69 -12.16 -32.08 2.42
CA ILE C 69 -12.27 -33.40 1.84
C ILE C 69 -10.95 -33.96 1.33
N TYR C 70 -10.14 -33.17 0.65
CA TYR C 70 -8.83 -33.65 0.21
C TYR C 70 -8.02 -34.07 1.43
N ASN C 71 -8.13 -33.30 2.49
CA ASN C 71 -7.36 -33.53 3.66
C ASN C 71 -7.83 -34.87 4.31
N PHE C 72 -9.13 -35.02 4.50
CA PHE C 72 -9.70 -36.28 4.98
C PHE C 72 -9.27 -37.47 4.12
N LEU C 73 -9.35 -37.34 2.80
CA LEU C 73 -9.01 -38.46 1.92
C LEU C 73 -7.52 -38.79 1.86
N ASN C 74 -6.65 -37.79 1.86
CA ASN C 74 -5.23 -38.07 1.82
C ASN C 74 -4.76 -38.70 3.13
N THR C 75 -5.49 -38.46 4.22
CA THR C 75 -5.26 -39.19 5.47
C THR C 75 -5.73 -40.67 5.40
N ASN C 76 -6.94 -40.91 4.88
CA ASN C 76 -7.61 -42.19 5.07
C ASN C 76 -7.66 -43.10 3.88
N LEU C 77 -7.54 -42.59 2.66
CA LEU C 77 -7.49 -43.50 1.52
C LEU C 77 -6.15 -44.21 1.43
N GLU C 78 -6.18 -45.53 1.32
CA GLU C 78 -5.01 -46.26 0.84
C GLU C 78 -5.27 -46.68 -0.60
N THR C 79 -4.54 -46.08 -1.54
CA THR C 79 -4.78 -46.34 -2.94
C THR C 79 -3.58 -45.86 -3.71
N ASN C 80 -3.36 -46.41 -4.90
CA ASN C 80 -2.35 -45.88 -5.82
C ASN C 80 -2.88 -44.77 -6.71
N VAL C 81 -4.18 -44.57 -6.72
CA VAL C 81 -4.74 -43.53 -7.55
C VAL C 81 -4.45 -42.19 -6.88
N LYS C 82 -3.95 -41.26 -7.67
CA LYS C 82 -3.60 -39.97 -7.09
C LYS C 82 -4.82 -39.07 -7.05
N ILE C 83 -4.85 -38.23 -6.01
CA ILE C 83 -5.83 -37.17 -5.92
C ILE C 83 -5.13 -35.87 -5.53
N PRO C 84 -5.81 -34.74 -5.73
CA PRO C 84 -5.18 -33.52 -5.29
C PRO C 84 -4.73 -33.55 -3.85
N ASN C 85 -3.53 -33.02 -3.64
CA ASN C 85 -3.00 -32.85 -2.31
C ASN C 85 -2.60 -31.39 -2.07
N ILE C 86 -3.37 -30.73 -1.23
CA ILE C 86 -3.32 -29.30 -1.16
C ILE C 86 -2.06 -28.81 -0.44
N GLU C 87 -1.20 -28.10 -1.16
CA GLU C 87 -0.02 -27.48 -0.56
C GLU C 87 -0.29 -26.02 -0.25
N TYR C 88 -1.09 -25.34 -1.04
CA TYR C 88 -1.34 -23.93 -0.87
C TYR C 88 -2.82 -23.67 -0.80
N SER C 89 -3.23 -22.84 0.13
CA SER C 89 -4.60 -22.44 0.14
C SER C 89 -4.74 -21.08 0.75
N TYR C 90 -5.69 -20.32 0.20
CA TYR C 90 -6.12 -19.08 0.77
C TYR C 90 -7.61 -19.03 0.66
N ILE C 91 -8.29 -18.82 1.77
CA ILE C 91 -9.74 -18.90 1.79
C ILE C 91 -10.29 -17.67 2.47
N SER C 92 -11.10 -16.88 1.77
CA SER C 92 -11.75 -15.71 2.36
C SER C 92 -13.10 -15.54 1.71
N ASP C 93 -13.90 -14.61 2.21
CA ASP C 93 -15.25 -14.43 1.68
C ASP C 93 -15.22 -14.05 0.21
N GLU C 94 -14.22 -13.28 -0.17
CA GLU C 94 -14.21 -12.63 -1.46
C GLU C 94 -13.36 -13.40 -2.44
N LEU C 95 -12.45 -14.25 -1.94
CA LEU C 95 -11.49 -14.95 -2.80
C LEU C 95 -11.06 -16.28 -2.20
N SER C 96 -11.00 -17.32 -3.02
CA SER C 96 -10.45 -18.59 -2.60
C SER C 96 -9.54 -19.18 -3.67
N ILE C 97 -8.43 -19.71 -3.20
CA ILE C 97 -7.43 -20.32 -4.04
C ILE C 97 -6.99 -21.65 -3.41
N LEU C 98 -6.90 -22.69 -4.23
CA LEU C 98 -6.28 -23.95 -3.81
C LEU C 98 -5.20 -24.31 -4.76
N GLY C 99 -4.04 -24.66 -4.22
CA GLY C 99 -2.92 -25.09 -5.05
C GLY C 99 -2.44 -26.50 -4.71
N TYR C 100 -2.18 -27.28 -5.74
CA TYR C 100 -1.65 -28.60 -5.56
C TYR C 100 -0.87 -29.00 -6.81
N LYS C 101 -0.02 -30.01 -6.68
CA LYS C 101 0.74 -30.50 -7.83
C LYS C 101 -0.16 -31.13 -8.85
N GLU C 102 0.04 -30.75 -10.12
CA GLU C 102 -0.70 -31.30 -11.23
C GLU C 102 -0.54 -32.81 -11.24
N ILE C 103 -1.64 -33.51 -11.29
CA ILE C 103 -1.57 -34.91 -11.52
C ILE C 103 -1.34 -35.09 -13.02
N LYS C 104 -0.28 -35.81 -13.36
CA LYS C 104 0.10 -35.98 -14.76
C LYS C 104 -0.68 -37.08 -15.41
N GLY C 105 -1.14 -36.82 -16.63
CA GLY C 105 -1.86 -37.83 -17.35
C GLY C 105 -2.75 -37.23 -18.39
N THR C 106 -3.56 -38.08 -18.98
CA THR C 106 -4.53 -37.73 -20.02
C THR C 106 -5.95 -38.05 -19.55
N PHE C 107 -6.87 -37.13 -19.81
CA PHE C 107 -8.23 -37.31 -19.37
C PHE C 107 -8.93 -38.32 -20.23
N LEU C 108 -9.72 -39.16 -19.58
CA LEU C 108 -10.46 -40.22 -20.26
C LEU C 108 -11.54 -39.63 -21.10
N THR C 109 -11.69 -40.16 -22.31
CA THR C 109 -12.75 -39.73 -23.20
C THR C 109 -13.27 -40.96 -23.92
N PRO C 110 -14.47 -40.84 -24.50
CA PRO C 110 -15.00 -41.89 -25.35
C PRO C 110 -14.03 -42.33 -26.47
N GLU C 111 -13.40 -41.37 -27.13
CA GLU C 111 -12.50 -41.64 -28.25
C GLU C 111 -11.35 -42.50 -27.78
N ILE C 112 -10.74 -42.11 -26.66
CA ILE C 112 -9.62 -42.86 -26.13
C ILE C 112 -10.01 -44.29 -25.72
N TYR C 113 -11.13 -44.39 -25.01
CA TYR C 113 -11.65 -45.68 -24.54
C TYR C 113 -11.85 -46.64 -25.71
N SER C 114 -12.36 -46.12 -26.81
CA SER C 114 -12.66 -46.96 -27.99
C SER C 114 -11.37 -47.48 -28.64
N THR C 115 -10.24 -46.84 -28.40
CA THR C 115 -8.96 -47.38 -28.87
C THR C 115 -8.23 -48.30 -27.86
N MET C 116 -8.76 -48.46 -26.66
CA MET C 116 -8.12 -49.37 -25.69
C MET C 116 -8.42 -50.84 -26.03
N SER C 117 -7.47 -51.73 -25.77
CA SER C 117 -7.69 -53.17 -25.92
C SER C 117 -8.73 -53.60 -24.91
N GLU C 118 -9.37 -54.74 -25.16
CA GLU C 118 -10.41 -55.23 -24.24
C GLU C 118 -9.85 -55.32 -22.83
N GLU C 119 -8.59 -55.77 -22.72
CA GLU C 119 -7.93 -55.98 -21.42
C GLU C 119 -7.71 -54.66 -20.73
N GLU C 120 -7.18 -53.69 -21.46
CA GLU C 120 -7.04 -52.34 -20.93
C GLU C 120 -8.37 -51.74 -20.42
N GLN C 121 -9.45 -51.94 -21.16
CA GLN C 121 -10.76 -51.49 -20.72
C GLN C 121 -11.19 -52.17 -19.42
N ASN C 122 -11.01 -53.48 -19.34
CA ASN C 122 -11.42 -54.22 -18.14
C ASN C 122 -10.66 -53.73 -16.92
N LEU C 123 -9.35 -53.50 -17.10
CA LEU C 123 -8.53 -53.07 -15.99
C LEU C 123 -9.02 -51.71 -15.51
N LEU C 124 -9.31 -50.84 -16.47
CA LEU C 124 -9.81 -49.53 -16.13
C LEU C 124 -11.11 -49.64 -15.31
N LYS C 125 -11.99 -50.52 -15.74
CA LYS C 125 -13.25 -50.68 -15.05
C LYS C 125 -13.05 -51.22 -13.67
N ARG C 126 -12.11 -52.14 -13.52
CA ARG C 126 -11.82 -52.68 -12.21
C ARG C 126 -11.19 -51.64 -11.32
N ASP C 127 -10.35 -50.83 -11.91
CA ASP C 127 -9.69 -49.77 -11.15
C ASP C 127 -10.74 -48.82 -10.58
N ILE C 128 -11.71 -48.45 -11.40
CA ILE C 128 -12.72 -47.52 -10.97
C ILE C 128 -13.61 -48.14 -9.90
N ALA C 129 -14.11 -49.35 -10.17
CA ALA C 129 -14.90 -50.03 -9.20
C ALA C 129 -14.14 -50.14 -7.87
N SER C 130 -12.88 -50.49 -7.95
CA SER C 130 -12.10 -50.60 -6.73
C SER C 130 -11.89 -49.26 -5.99
N PHE C 131 -11.68 -48.19 -6.73
CA PHE C 131 -11.52 -46.88 -6.08
C PHE C 131 -12.83 -46.53 -5.36
N LEU C 132 -13.94 -46.61 -6.07
CA LEU C 132 -15.25 -46.25 -5.50
C LEU C 132 -15.56 -47.14 -4.30
N ARG C 133 -15.24 -48.42 -4.40
CA ARG C 133 -15.51 -49.35 -3.30
C ARG C 133 -14.72 -48.84 -2.08
N GLN C 134 -13.44 -48.48 -2.26
CA GLN C 134 -12.66 -48.08 -1.13
C GLN C 134 -13.13 -46.73 -0.57
N MET C 135 -13.51 -45.79 -1.43
CA MET C 135 -14.00 -44.51 -0.94
C MET C 135 -15.37 -44.63 -0.23
N HIS C 136 -16.30 -45.29 -0.88
CA HIS C 136 -17.63 -45.52 -0.29
C HIS C 136 -17.60 -46.35 1.01
N GLY C 137 -16.52 -47.10 1.20
CA GLY C 137 -16.34 -47.86 2.42
C GLY C 137 -15.68 -47.13 3.56
N LEU C 138 -15.38 -45.86 3.42
CA LEU C 138 -14.69 -45.18 4.51
C LEU C 138 -15.60 -44.85 5.67
N ASP C 139 -15.06 -44.97 6.88
CA ASP C 139 -15.68 -44.43 8.05
C ASP C 139 -15.60 -42.91 7.93
N TYR C 140 -16.76 -42.29 7.77
CA TYR C 140 -16.84 -40.86 7.50
C TYR C 140 -17.20 -40.02 8.73
N THR C 141 -16.99 -40.56 9.93
CA THR C 141 -17.32 -39.89 11.17
C THR C 141 -16.66 -38.52 11.26
N ASP C 142 -15.36 -38.48 10.93
CA ASP C 142 -14.56 -37.27 11.01
C ASP C 142 -15.00 -36.12 10.11
N ILE C 143 -15.78 -36.42 9.07
CA ILE C 143 -16.35 -35.37 8.20
C ILE C 143 -17.88 -35.46 8.17
N SER C 144 -18.48 -35.84 9.28
CA SER C 144 -19.90 -36.21 9.27
C SER C 144 -20.85 -35.04 9.08
N GLU C 145 -20.34 -33.82 9.23
CA GLU C 145 -21.12 -32.62 8.95
C GLU C 145 -21.26 -32.36 7.46
N CYS C 146 -20.46 -33.04 6.62
CA CYS C 146 -20.51 -32.82 5.16
C CYS C 146 -21.59 -33.68 4.48
N THR C 147 -22.77 -33.73 5.10
CA THR C 147 -23.91 -34.47 4.55
C THR C 147 -24.64 -33.67 3.50
N ILE C 148 -25.28 -34.40 2.61
CA ILE C 148 -26.03 -33.80 1.54
C ILE C 148 -27.31 -34.62 1.41
N ASP C 149 -28.47 -34.01 1.57
CA ASP C 149 -29.76 -34.65 1.34
C ASP C 149 -30.42 -34.12 0.06
N ASN C 150 -30.27 -34.87 -1.02
CA ASN C 150 -30.75 -34.42 -2.31
C ASN C 150 -32.26 -34.25 -2.32
N LYS C 151 -32.98 -35.15 -1.64
CA LYS C 151 -34.45 -35.08 -1.64
C LYS C 151 -34.95 -33.85 -0.95
N GLN C 152 -34.44 -33.62 0.25
CA GLN C 152 -34.82 -32.44 1.01
C GLN C 152 -34.50 -31.13 0.27
N ASN C 153 -33.33 -31.07 -0.36
CA ASN C 153 -32.95 -29.87 -1.12
C ASN C 153 -34.01 -29.59 -2.17
N VAL C 154 -34.43 -30.64 -2.89
CA VAL C 154 -35.49 -30.48 -3.87
C VAL C 154 -36.82 -29.98 -3.30
N LEU C 155 -37.24 -30.51 -2.17
CA LEU C 155 -38.49 -30.03 -1.58
C LEU C 155 -38.41 -28.54 -1.24
N GLU C 156 -37.25 -28.13 -0.72
CA GLU C 156 -37.07 -26.72 -0.35
C GLU C 156 -37.06 -25.83 -1.60
N GLU C 157 -36.41 -26.35 -2.64
CA GLU C 157 -36.36 -25.67 -3.90
C GLU C 157 -37.75 -25.55 -4.56
N TYR C 158 -38.59 -26.57 -4.41
CA TYR C 158 -39.96 -26.50 -4.92
C TYR C 158 -40.79 -25.45 -4.21
N ILE C 159 -40.60 -25.32 -2.92
CA ILE C 159 -41.30 -24.27 -2.18
C ILE C 159 -40.88 -22.86 -2.64
N LEU C 160 -39.59 -22.66 -2.83
CA LEU C 160 -39.06 -21.41 -3.35
C LEU C 160 -39.75 -21.06 -4.68
N LEU C 161 -39.86 -22.04 -5.58
CA LEU C 161 -40.58 -21.83 -6.85
C LEU C 161 -41.98 -21.34 -6.65
N ARG C 162 -42.69 -21.97 -5.72
CA ARG C 162 -44.08 -21.63 -5.48
C ARG C 162 -44.16 -20.24 -4.90
N GLU C 163 -43.15 -19.84 -4.15
CA GLU C 163 -43.10 -18.48 -3.56
C GLU C 163 -42.69 -17.38 -4.54
N THR C 164 -42.05 -17.72 -5.64
CA THR C 164 -41.51 -16.75 -6.59
C THR C 164 -42.24 -16.80 -7.94
N ILE C 165 -41.72 -17.53 -8.90
CA ILE C 165 -42.22 -17.47 -10.28
C ILE C 165 -43.26 -18.49 -10.72
N TYR C 166 -43.65 -19.43 -9.86
CA TYR C 166 -44.45 -20.57 -10.35
C TYR C 166 -45.71 -20.10 -11.06
N ASN C 167 -46.36 -19.08 -10.54
CA ASN C 167 -47.64 -18.66 -11.10
C ASN C 167 -47.52 -18.00 -12.47
N ASP C 168 -46.33 -17.59 -12.85
CA ASP C 168 -46.11 -17.07 -14.19
C ASP C 168 -45.65 -18.10 -15.21
N LEU C 169 -45.52 -19.37 -14.81
CA LEU C 169 -45.03 -20.39 -15.73
C LEU C 169 -46.19 -20.82 -16.61
N THR C 170 -45.89 -21.42 -17.77
CA THR C 170 -46.91 -21.95 -18.62
C THR C 170 -47.46 -23.26 -18.02
N ASP C 171 -48.56 -23.74 -18.59
CA ASP C 171 -49.17 -24.95 -18.15
C ASP C 171 -48.20 -26.10 -18.43
N ILE C 172 -47.58 -26.12 -19.61
CA ILE C 172 -46.63 -27.20 -19.93
C ILE C 172 -45.49 -27.28 -18.92
N GLU C 173 -45.03 -26.14 -18.44
CA GLU C 173 -43.94 -26.07 -17.46
C GLU C 173 -44.44 -26.50 -16.06
N LYS C 174 -45.58 -25.99 -15.66
CA LYS C 174 -46.20 -26.48 -14.43
C LYS C 174 -46.41 -28.01 -14.45
N ASP C 175 -46.95 -28.57 -15.53
CA ASP C 175 -47.19 -30.02 -15.59
C ASP C 175 -45.88 -30.77 -15.40
N TYR C 176 -44.82 -30.31 -16.04
CA TYR C 176 -43.52 -30.97 -15.92
C TYR C 176 -43.07 -30.98 -14.47
N ILE C 177 -43.23 -29.86 -13.81
CA ILE C 177 -42.75 -29.74 -12.44
C ILE C 177 -43.56 -30.58 -11.48
N GLU C 178 -44.88 -30.54 -11.60
CA GLU C 178 -45.77 -31.29 -10.69
C GLU C 178 -45.62 -32.78 -10.90
N SER C 179 -45.43 -33.14 -12.14
CA SER C 179 -45.24 -34.53 -12.46
C SER C 179 -43.90 -35.05 -11.83
N PHE C 180 -42.86 -34.23 -11.86
CA PHE C 180 -41.59 -34.60 -11.28
C PHE C 180 -41.74 -34.77 -9.79
N MET C 181 -42.45 -33.85 -9.16
CA MET C 181 -42.62 -33.86 -7.71
C MET C 181 -43.40 -35.09 -7.28
N GLU C 182 -44.41 -35.47 -8.06
CA GLU C 182 -45.12 -36.70 -7.79
C GLU C 182 -44.14 -37.84 -7.77
N ARG C 183 -43.35 -37.89 -8.82
CA ARG C 183 -42.39 -38.96 -8.93
C ARG C 183 -41.41 -38.95 -7.73
N LEU C 184 -40.95 -37.78 -7.34
CA LEU C 184 -39.98 -37.68 -6.24
C LEU C 184 -40.54 -38.14 -4.92
N ASN C 185 -41.80 -37.81 -4.70
CA ASN C 185 -42.49 -38.11 -3.47
C ASN C 185 -42.78 -39.62 -3.39
N ALA C 186 -42.87 -40.33 -4.53
CA ALA C 186 -43.12 -41.81 -4.50
C ALA C 186 -41.85 -42.69 -4.48
N THR C 187 -40.73 -42.20 -4.99
CA THR C 187 -39.56 -43.05 -5.22
C THR C 187 -38.94 -43.55 -3.93
N THR C 188 -38.24 -44.67 -4.05
CA THR C 188 -37.56 -45.27 -2.93
C THR C 188 -36.07 -45.16 -3.08
N VAL C 189 -35.57 -44.52 -4.14
CA VAL C 189 -34.14 -44.53 -4.39
C VAL C 189 -33.31 -43.67 -3.41
N PHE C 190 -33.94 -42.90 -2.52
CA PHE C 190 -33.16 -42.20 -1.46
C PHE C 190 -33.09 -42.96 -0.12
N GLU C 191 -33.59 -44.19 -0.08
CA GLU C 191 -33.68 -44.93 1.18
C GLU C 191 -32.59 -45.96 1.28
N GLY C 192 -31.58 -45.87 0.42
CA GLY C 192 -30.49 -46.82 0.39
C GLY C 192 -29.30 -46.34 1.18
N LYS C 193 -28.18 -47.02 0.93
CA LYS C 193 -26.97 -46.74 1.65
C LYS C 193 -26.47 -45.31 1.36
N LYS C 194 -26.02 -44.64 2.43
CA LYS C 194 -25.35 -43.36 2.37
C LYS C 194 -23.87 -43.54 2.62
N CYS C 195 -23.05 -42.82 1.88
CA CYS C 195 -21.62 -42.88 2.10
C CYS C 195 -20.93 -41.69 1.45
N LEU C 196 -19.63 -41.56 1.69
CA LEU C 196 -18.84 -40.47 1.08
C LEU C 196 -18.66 -40.73 -0.41
N CYS C 197 -19.19 -39.82 -1.24
CA CYS C 197 -19.14 -39.92 -2.69
C CYS C 197 -18.41 -38.73 -3.28
N HIS C 198 -17.75 -38.97 -4.41
CA HIS C 198 -17.09 -37.90 -5.19
C HIS C 198 -18.15 -36.90 -5.62
N ASN C 199 -19.22 -37.44 -6.18
CA ASN C 199 -20.46 -36.71 -6.50
C ASN C 199 -20.40 -35.84 -7.75
N ASP C 200 -19.40 -36.08 -8.59
CA ASP C 200 -19.29 -35.44 -9.91
C ASP C 200 -18.37 -36.32 -10.72
N PHE C 201 -18.67 -37.62 -10.68
CA PHE C 201 -17.73 -38.64 -11.11
C PHE C 201 -17.90 -38.92 -12.58
N SER C 202 -17.47 -37.97 -13.39
CA SER C 202 -17.59 -38.08 -14.84
C SER C 202 -16.22 -38.30 -15.43
N CYS C 203 -16.15 -38.71 -16.68
CA CYS C 203 -14.85 -39.09 -17.23
C CYS C 203 -13.89 -37.92 -17.49
N ASN C 204 -14.39 -36.70 -17.57
CA ASN C 204 -13.49 -35.51 -17.58
C ASN C 204 -12.80 -35.21 -16.21
N HIS C 205 -13.05 -36.03 -15.21
CA HIS C 205 -12.28 -35.94 -13.97
C HIS C 205 -11.40 -37.16 -13.73
N LEU C 206 -11.23 -38.00 -14.74
CA LEU C 206 -10.45 -39.24 -14.56
C LEU C 206 -9.26 -39.22 -15.44
N LEU C 207 -8.12 -39.48 -14.83
CA LEU C 207 -6.83 -39.36 -15.54
C LEU C 207 -6.19 -40.71 -15.78
N LEU C 208 -5.71 -40.90 -17.00
CA LEU C 208 -4.94 -42.08 -17.39
C LEU C 208 -3.46 -41.81 -17.55
N ASP C 209 -2.64 -42.81 -17.24
CA ASP C 209 -1.21 -42.74 -17.50
C ASP C 209 -0.92 -43.20 -18.92
N GLY C 210 0.36 -43.25 -19.29
CA GLY C 210 0.79 -43.69 -20.63
C GLY C 210 0.47 -45.12 -21.03
N ASN C 211 0.08 -45.95 -20.07
CA ASN C 211 -0.42 -47.33 -20.30
C ASN C 211 -1.96 -47.47 -20.20
N ASN C 212 -2.68 -46.36 -20.14
CA ASN C 212 -4.15 -46.35 -20.08
C ASN C 212 -4.70 -46.90 -18.78
N ARG C 213 -3.90 -46.84 -17.74
CA ARG C 213 -4.33 -47.24 -16.43
C ARG C 213 -4.87 -45.98 -15.76
N LEU C 214 -5.84 -46.14 -14.87
CA LEU C 214 -6.33 -45.03 -14.09
C LEU C 214 -5.20 -44.58 -13.17
N THR C 215 -4.74 -43.36 -13.33
CA THR C 215 -3.67 -42.88 -12.52
C THR C 215 -4.08 -41.77 -11.55
N GLY C 216 -5.17 -41.07 -11.81
CA GLY C 216 -5.63 -40.04 -10.89
C GLY C 216 -7.08 -39.62 -11.06
N ILE C 217 -7.60 -39.00 -10.01
CA ILE C 217 -8.96 -38.48 -10.01
C ILE C 217 -8.96 -37.07 -9.41
N ILE C 218 -9.77 -36.17 -9.98
CA ILE C 218 -9.76 -34.77 -9.58
C ILE C 218 -11.16 -34.27 -9.32
N ASP C 219 -11.22 -33.07 -8.79
CA ASP C 219 -12.43 -32.31 -8.58
C ASP C 219 -13.40 -33.02 -7.67
N PHE C 220 -13.00 -33.09 -6.39
CA PHE C 220 -13.87 -33.58 -5.30
C PHE C 220 -14.56 -32.36 -4.69
N GLY C 221 -14.68 -31.29 -5.46
CA GLY C 221 -15.40 -30.12 -5.02
C GLY C 221 -16.89 -30.29 -4.64
N ASP C 222 -17.58 -31.33 -5.11
CA ASP C 222 -19.01 -31.52 -4.75
C ASP C 222 -19.24 -32.68 -3.79
N SER C 223 -18.12 -33.24 -3.35
CA SER C 223 -18.14 -34.42 -2.56
C SER C 223 -18.80 -34.28 -1.17
N GLY C 224 -19.43 -35.36 -0.71
CA GLY C 224 -20.12 -35.34 0.58
C GLY C 224 -20.72 -36.69 0.91
N ILE C 225 -21.39 -36.78 2.05
CA ILE C 225 -22.03 -38.01 2.46
C ILE C 225 -23.43 -37.99 1.90
N ILE C 226 -23.69 -38.93 1.00
CA ILE C 226 -24.86 -38.89 0.11
C ILE C 226 -25.18 -40.31 -0.36
N ASP C 227 -26.25 -40.48 -1.13
CA ASP C 227 -26.58 -41.84 -1.63
C ASP C 227 -25.47 -42.44 -2.45
N GLU C 228 -25.13 -43.67 -2.11
CA GLU C 228 -24.20 -44.48 -2.88
C GLU C 228 -24.46 -44.42 -4.42
N TYR C 229 -25.72 -44.39 -4.80
CA TYR C 229 -26.07 -44.30 -6.24
C TYR C 229 -25.49 -43.10 -6.98
N CYS C 230 -25.19 -42.03 -6.25
CA CYS C 230 -24.68 -40.78 -6.82
C CYS C 230 -23.46 -40.95 -7.68
N ASP C 231 -22.50 -41.76 -7.26
CA ASP C 231 -21.26 -41.85 -8.02
C ASP C 231 -21.38 -42.64 -9.33
N PHE C 232 -22.57 -43.09 -9.70
CA PHE C 232 -22.72 -43.82 -10.95
C PHE C 232 -23.56 -43.09 -11.95
N ILE C 233 -24.00 -41.89 -11.59
CA ILE C 233 -24.90 -41.10 -12.47
C ILE C 233 -24.28 -40.79 -13.81
N TYR C 234 -22.98 -40.54 -13.86
CA TYR C 234 -22.33 -40.24 -15.15
C TYR C 234 -21.77 -41.48 -15.84
N LEU C 235 -21.28 -42.43 -15.04
CA LEU C 235 -20.88 -43.70 -15.59
C LEU C 235 -22.03 -44.35 -16.32
N LEU C 236 -23.27 -44.11 -15.88
CA LEU C 236 -24.44 -44.67 -16.59
C LEU C 236 -25.00 -43.79 -17.69
N GLU C 237 -24.47 -42.59 -17.86
CA GLU C 237 -25.01 -41.64 -18.80
C GLU C 237 -24.69 -42.00 -20.27
N ASP C 238 -25.71 -41.84 -21.10
CA ASP C 238 -25.62 -42.00 -22.54
C ASP C 238 -25.54 -40.60 -23.13
N SER C 239 -24.34 -40.22 -23.59
CA SER C 239 -24.14 -38.89 -24.17
C SER C 239 -22.80 -38.82 -24.87
N GLU C 240 -22.58 -37.75 -25.63
CA GLU C 240 -21.32 -37.59 -26.33
C GLU C 240 -20.13 -37.45 -25.37
N GLU C 241 -20.34 -36.85 -24.21
CA GLU C 241 -19.27 -36.64 -23.22
C GLU C 241 -18.87 -37.85 -22.43
N GLU C 242 -19.78 -38.82 -22.30
CA GLU C 242 -19.49 -39.98 -21.46
C GLU C 242 -19.39 -41.23 -22.32
N ILE C 243 -18.94 -42.30 -21.70
CA ILE C 243 -18.60 -43.49 -22.45
C ILE C 243 -19.81 -44.27 -22.86
N GLY C 244 -20.72 -44.50 -21.92
CA GLY C 244 -21.96 -45.17 -22.26
C GLY C 244 -22.53 -45.98 -21.11
N THR C 245 -23.83 -46.25 -21.20
CA THR C 245 -24.51 -47.05 -20.22
C THR C 245 -23.83 -48.40 -19.90
N ASN C 246 -23.29 -49.13 -20.89
CA ASN C 246 -22.67 -50.45 -20.67
C ASN C 246 -21.44 -50.41 -19.79
N PHE C 247 -20.69 -49.31 -19.95
CA PHE C 247 -19.52 -49.03 -19.15
C PHE C 247 -19.91 -48.95 -17.69
N GLY C 248 -20.93 -48.15 -17.38
CA GLY C 248 -21.41 -48.03 -16.01
C GLY C 248 -21.99 -49.33 -15.47
N GLU C 249 -22.69 -50.04 -16.33
CA GLU C 249 -23.26 -51.32 -15.93
C GLU C 249 -22.19 -52.33 -15.51
N ASP C 250 -21.15 -52.47 -16.32
CA ASP C 250 -20.07 -53.43 -16.02
C ASP C 250 -19.36 -53.02 -14.73
N ILE C 251 -19.22 -51.72 -14.53
CA ILE C 251 -18.56 -51.20 -13.34
C ILE C 251 -19.40 -51.47 -12.11
N LEU C 252 -20.70 -51.26 -12.22
CA LEU C 252 -21.64 -51.65 -11.14
C LEU C 252 -21.55 -53.18 -10.83
N ARG C 253 -21.44 -54.03 -11.84
CA ARG C 253 -21.26 -55.46 -11.57
C ARG C 253 -20.00 -55.74 -10.82
N MET C 254 -18.90 -55.13 -11.25
CA MET C 254 -17.62 -55.33 -10.58
C MET C 254 -17.66 -54.78 -9.17
N TYR C 255 -18.35 -53.66 -8.99
CA TYR C 255 -18.45 -53.02 -7.69
C TYR C 255 -19.22 -53.94 -6.72
N GLY C 256 -20.31 -54.53 -7.21
CA GLY C 256 -21.13 -55.48 -6.48
C GLY C 256 -22.08 -54.90 -5.44
N ASN C 257 -23.06 -55.69 -5.07
CA ASN C 257 -23.96 -55.39 -3.96
C ASN C 257 -24.68 -54.12 -4.12
N ILE C 258 -25.23 -53.92 -5.30
CA ILE C 258 -25.93 -52.68 -5.56
C ILE C 258 -26.92 -52.94 -6.67
N ASP C 259 -28.13 -52.47 -6.45
CA ASP C 259 -29.25 -52.70 -7.35
C ASP C 259 -29.11 -51.79 -8.59
N ILE C 260 -28.72 -52.40 -9.68
CA ILE C 260 -28.38 -51.68 -10.89
C ILE C 260 -29.56 -50.91 -11.50
N GLU C 261 -30.76 -51.45 -11.38
CA GLU C 261 -31.91 -50.82 -11.95
C GLU C 261 -32.27 -49.57 -11.16
N LYS C 262 -32.09 -49.63 -9.83
CA LYS C 262 -32.28 -48.47 -8.97
C LYS C 262 -31.25 -47.43 -9.23
N ALA C 263 -30.02 -47.82 -9.46
CA ALA C 263 -28.97 -46.83 -9.82
C ALA C 263 -29.40 -46.09 -11.07
N LYS C 264 -30.01 -46.81 -12.00
CA LYS C 264 -30.47 -46.17 -13.23
C LYS C 264 -31.72 -45.33 -13.01
N GLU C 265 -32.60 -45.77 -12.12
CA GLU C 265 -33.77 -45.00 -11.73
C GLU C 265 -33.32 -43.69 -11.07
N TYR C 266 -32.31 -43.75 -10.18
CA TYR C 266 -31.70 -42.56 -9.57
C TYR C 266 -31.19 -41.62 -10.63
N GLN C 267 -30.38 -42.13 -11.55
CA GLN C 267 -29.80 -41.30 -12.61
C GLN C 267 -30.94 -40.65 -13.37
N ASP C 268 -32.01 -41.39 -13.65
CA ASP C 268 -33.08 -40.87 -14.47
C ASP C 268 -33.84 -39.71 -13.80
N ILE C 269 -34.04 -39.86 -12.50
CA ILE C 269 -34.75 -38.86 -11.71
C ILE C 269 -33.94 -37.55 -11.65
N VAL C 270 -32.65 -37.68 -11.39
CA VAL C 270 -31.73 -36.55 -11.41
C VAL C 270 -31.74 -35.89 -12.76
N GLU C 271 -31.74 -36.66 -13.84
CA GLU C 271 -31.75 -36.10 -15.19
C GLU C 271 -33.06 -35.37 -15.36
N GLU C 272 -34.18 -35.92 -14.87
CA GLU C 272 -35.48 -35.26 -15.00
C GLU C 272 -35.49 -33.93 -14.27
N TYR C 273 -34.78 -33.89 -13.15
CA TYR C 273 -34.75 -32.68 -12.33
C TYR C 273 -33.88 -31.52 -12.90
N TYR C 274 -32.97 -31.82 -13.80
CA TYR C 274 -31.96 -30.87 -14.23
C TYR C 274 -32.52 -29.50 -14.65
N PRO C 275 -33.57 -29.47 -15.47
CA PRO C 275 -34.15 -28.19 -15.85
C PRO C 275 -34.73 -27.38 -14.70
N ILE C 276 -35.25 -28.05 -13.70
CA ILE C 276 -35.87 -27.36 -12.60
C ILE C 276 -34.73 -26.78 -11.76
N GLU C 277 -33.70 -27.58 -11.58
CA GLU C 277 -32.52 -27.14 -10.86
C GLU C 277 -31.92 -25.88 -11.51
N THR C 278 -31.89 -25.90 -12.84
CA THR C 278 -31.36 -24.80 -13.62
C THR C 278 -32.18 -23.56 -13.33
N ILE C 279 -33.50 -23.72 -13.29
CA ILE C 279 -34.40 -22.59 -13.02
C ILE C 279 -34.19 -22.02 -11.64
N VAL C 280 -34.12 -22.92 -10.67
CA VAL C 280 -33.98 -22.53 -9.28
C VAL C 280 -32.66 -21.81 -9.04
N TYR C 281 -31.60 -22.22 -9.72
CA TYR C 281 -30.30 -21.55 -9.66
C TYR C 281 -30.46 -20.10 -10.17
N GLY C 282 -31.17 -19.94 -11.27
CA GLY C 282 -31.47 -18.62 -11.77
C GLY C 282 -32.20 -17.75 -10.78
N ILE C 283 -33.19 -18.31 -10.07
CA ILE C 283 -33.97 -17.54 -9.11
C ILE C 283 -33.11 -17.12 -7.96
N LYS C 284 -32.41 -18.08 -7.39
CA LYS C 284 -31.57 -17.84 -6.21
C LYS C 284 -30.46 -16.81 -6.42
N ASN C 285 -29.89 -16.79 -7.62
CA ASN C 285 -28.78 -15.94 -7.96
C ASN C 285 -29.19 -14.78 -8.87
N ILE C 286 -30.49 -14.61 -9.07
CA ILE C 286 -31.02 -13.54 -9.88
C ILE C 286 -30.35 -13.50 -11.27
N LYS C 287 -30.43 -14.61 -11.99
CA LYS C 287 -29.88 -14.70 -13.35
C LYS C 287 -30.93 -15.25 -14.29
N GLN C 288 -31.62 -14.33 -14.95
CA GLN C 288 -32.70 -14.65 -15.89
C GLN C 288 -32.28 -15.70 -16.92
N GLU C 289 -31.04 -15.62 -17.40
CA GLU C 289 -30.56 -16.52 -18.45
C GLU C 289 -30.77 -17.97 -18.05
N PHE C 290 -30.54 -18.31 -16.79
CA PHE C 290 -30.74 -19.68 -16.32
C PHE C 290 -32.22 -20.07 -16.19
N ILE C 291 -33.01 -19.12 -15.71
CA ILE C 291 -34.46 -19.33 -15.66
C ILE C 291 -34.91 -19.67 -17.08
N GLU C 292 -34.50 -18.91 -18.07
CA GLU C 292 -34.96 -19.18 -19.42
C GLU C 292 -34.38 -20.46 -20.04
N ASN C 293 -33.11 -20.74 -19.82
CA ASN C 293 -32.54 -22.01 -20.27
C ASN C 293 -33.31 -23.23 -19.71
N GLY C 294 -33.63 -23.20 -18.42
CA GLY C 294 -34.32 -24.32 -17.79
C GLY C 294 -35.72 -24.50 -18.35
N ARG C 295 -36.44 -23.39 -18.48
CA ARG C 295 -37.77 -23.44 -19.06
C ARG C 295 -37.74 -24.00 -20.46
N LYS C 296 -36.75 -23.60 -21.24
CA LYS C 296 -36.71 -24.04 -22.64
C LYS C 296 -36.43 -25.53 -22.67
N GLU C 297 -35.60 -26.01 -21.74
CA GLU C 297 -35.17 -27.42 -21.72
C GLU C 297 -36.38 -28.34 -21.39
N ILE C 298 -37.32 -27.79 -20.63
CA ILE C 298 -38.56 -28.45 -20.41
C ILE C 298 -39.34 -28.67 -21.68
N TYR C 299 -39.47 -27.63 -22.49
CA TYR C 299 -40.13 -27.80 -23.80
C TYR C 299 -39.40 -28.84 -24.64
N LYS C 300 -38.06 -28.84 -24.63
CA LYS C 300 -37.34 -29.80 -25.48
C LYS C 300 -37.56 -31.25 -25.01
N ARG C 301 -37.58 -31.46 -23.70
CA ARG C 301 -37.85 -32.73 -23.14
C ARG C 301 -39.32 -33.22 -23.34
N THR C 302 -40.28 -32.33 -23.17
CA THR C 302 -41.66 -32.62 -23.42
C THR C 302 -41.92 -33.08 -24.87
N TYR C 303 -41.19 -32.57 -25.83
CA TYR C 303 -41.47 -32.85 -27.25
C TYR C 303 -40.56 -33.86 -27.87
N LYS C 304 -39.62 -34.38 -27.09
CA LYS C 304 -38.75 -35.42 -27.60
C LYS C 304 -39.62 -36.64 -27.75
N ASP C 305 -39.58 -37.25 -28.93
CA ASP C 305 -40.15 -38.58 -29.08
C ASP C 305 -39.20 -39.55 -28.39
N TYR D 5 -16.37 -19.90 -21.34
CA TYR D 5 -15.38 -19.01 -20.67
C TYR D 5 -15.45 -17.58 -21.19
N ASP D 6 -15.23 -16.61 -20.30
CA ASP D 6 -15.29 -15.20 -20.64
C ASP D 6 -14.09 -14.46 -20.01
N ASP D 7 -13.17 -14.01 -20.86
CA ASP D 7 -12.00 -13.20 -20.43
C ASP D 7 -12.39 -11.79 -19.97
N ASN D 8 -13.52 -11.30 -20.46
CA ASN D 8 -14.10 -10.05 -19.98
C ASN D 8 -14.56 -10.16 -18.54
N ALA D 9 -15.50 -11.07 -18.28
CA ALA D 9 -16.05 -11.32 -16.96
C ALA D 9 -14.98 -11.54 -15.89
N THR D 10 -13.95 -12.34 -16.19
CA THR D 10 -12.98 -12.75 -15.16
C THR D 10 -11.92 -11.63 -14.88
N ASN D 11 -11.45 -10.93 -15.92
CA ASN D 11 -10.47 -9.82 -15.76
C ASN D 11 -11.05 -8.77 -14.85
N VAL D 12 -12.31 -8.53 -15.07
CA VAL D 12 -13.01 -7.52 -14.35
C VAL D 12 -13.12 -7.87 -12.86
N LYS D 13 -13.43 -9.12 -12.53
CA LYS D 13 -13.63 -9.51 -11.12
C LYS D 13 -12.36 -9.33 -10.31
N ALA D 14 -11.26 -9.76 -10.88
CA ALA D 14 -9.94 -9.60 -10.26
C ALA D 14 -9.60 -8.15 -10.01
N MET D 15 -9.83 -7.28 -11.00
CA MET D 15 -9.47 -5.89 -10.83
C MET D 15 -10.41 -5.23 -9.83
N LYS D 16 -11.70 -5.58 -9.90
CA LYS D 16 -12.67 -5.11 -8.91
C LYS D 16 -12.21 -5.48 -7.50
N TYR D 17 -11.67 -6.67 -7.35
CA TYR D 17 -11.19 -7.12 -6.07
C TYR D 17 -10.00 -6.31 -5.62
N LEU D 18 -9.05 -6.09 -6.52
CA LEU D 18 -7.87 -5.28 -6.19
C LEU D 18 -8.23 -3.85 -5.82
N ILE D 19 -9.12 -3.25 -6.58
CA ILE D 19 -9.55 -1.88 -6.30
C ILE D 19 -10.16 -1.78 -4.91
N GLU D 20 -11.06 -2.69 -4.58
CA GLU D 20 -11.73 -2.64 -3.29
C GLU D 20 -10.79 -2.99 -2.16
N HIS D 21 -9.78 -3.79 -2.46
CA HIS D 21 -8.76 -4.19 -1.50
C HIS D 21 -7.81 -3.03 -1.20
N TYR D 22 -7.29 -2.36 -2.23
CA TYR D 22 -6.30 -1.29 -2.02
C TYR D 22 -6.89 0.09 -1.70
N PHE D 23 -8.13 0.36 -2.11
CA PHE D 23 -8.74 1.66 -1.81
C PHE D 23 -9.84 1.48 -0.83
N ASP D 24 -9.44 1.66 0.42
CA ASP D 24 -10.32 1.65 1.55
C ASP D 24 -11.56 2.41 1.25
N ASN D 25 -12.62 1.64 1.36
CA ASN D 25 -13.97 2.11 1.27
C ASN D 25 -14.40 2.61 -0.11
N PHE D 26 -13.73 2.12 -1.15
CA PHE D 26 -14.22 2.30 -2.52
C PHE D 26 -15.12 1.12 -2.87
N LYS D 27 -16.33 1.41 -3.33
CA LYS D 27 -17.28 0.36 -3.73
C LYS D 27 -17.47 0.37 -5.23
N VAL D 28 -17.12 -0.75 -5.85
CA VAL D 28 -17.30 -0.91 -7.27
C VAL D 28 -18.71 -1.41 -7.56
N ASP D 29 -19.58 -0.52 -8.03
CA ASP D 29 -20.91 -0.93 -8.43
C ASP D 29 -20.91 -1.44 -9.86
N SER D 30 -19.96 -1.00 -10.67
CA SER D 30 -19.90 -1.45 -12.07
C SER D 30 -18.50 -1.24 -12.58
N ILE D 31 -18.10 -2.04 -13.56
CA ILE D 31 -16.75 -2.01 -14.05
C ILE D 31 -16.66 -2.67 -15.40
N GLU D 32 -16.11 -1.96 -16.38
CA GLU D 32 -15.92 -2.52 -17.71
C GLU D 32 -14.57 -2.12 -18.25
N ILE D 33 -14.05 -2.95 -19.15
CA ILE D 33 -12.79 -2.66 -19.83
C ILE D 33 -13.05 -1.59 -20.88
N ILE D 34 -12.29 -0.51 -20.82
CA ILE D 34 -12.48 0.57 -21.74
C ILE D 34 -11.31 0.62 -22.73
N GLY D 35 -10.15 0.12 -22.33
CA GLY D 35 -9.06 -0.08 -23.28
C GLY D 35 -7.95 -0.93 -22.70
N SER D 36 -6.96 -1.25 -23.53
CA SER D 36 -5.79 -2.01 -23.05
C SER D 36 -4.54 -1.87 -23.90
N ASP D 39 0.38 -4.80 -22.12
CA ASP D 39 1.17 -4.29 -20.97
C ASP D 39 0.31 -3.57 -19.91
N SER D 40 -0.89 -3.12 -20.24
CA SER D 40 -1.74 -2.43 -19.28
C SER D 40 -3.19 -2.70 -19.62
N VAL D 41 -4.06 -2.46 -18.65
CA VAL D 41 -5.48 -2.51 -18.90
C VAL D 41 -6.13 -1.33 -18.22
N ALA D 42 -7.04 -0.68 -18.94
CA ALA D 42 -7.84 0.42 -18.38
C ALA D 42 -9.33 0.06 -18.26
N TYR D 43 -9.93 0.53 -17.17
CA TYR D 43 -11.28 0.20 -16.77
C TYR D 43 -12.11 1.44 -16.52
N LEU D 44 -13.35 1.42 -16.95
CA LEU D 44 -14.32 2.44 -16.57
C LEU D 44 -15.14 1.90 -15.38
N VAL D 45 -15.11 2.62 -14.27
CA VAL D 45 -15.67 2.14 -13.02
C VAL D 45 -16.76 3.07 -12.53
N ASN D 46 -17.91 2.48 -12.17
CA ASN D 46 -19.10 3.25 -11.76
C ASN D 46 -19.55 4.30 -12.79
N ASN D 47 -19.22 4.06 -14.06
CA ASN D 47 -19.46 5.02 -15.14
C ASN D 47 -18.91 6.43 -14.89
N GLU D 48 -17.84 6.52 -14.12
CA GLU D 48 -17.41 7.81 -13.59
C GLU D 48 -15.90 7.95 -13.50
N TYR D 49 -15.21 6.87 -13.15
CA TYR D 49 -13.76 6.87 -12.94
C TYR D 49 -13.07 6.00 -13.95
N ILE D 50 -11.91 6.48 -14.40
CA ILE D 50 -10.97 5.66 -15.13
C ILE D 50 -9.98 5.11 -14.13
N PHE D 51 -9.69 3.81 -14.24
CA PHE D 51 -8.62 3.14 -13.49
C PHE D 51 -7.67 2.50 -14.50
N LYS D 52 -6.44 3.01 -14.53
CA LYS D 52 -5.37 2.46 -15.36
C LYS D 52 -4.64 1.49 -14.46
N THR D 53 -4.32 0.31 -14.98
CA THR D 53 -3.62 -0.67 -14.16
C THR D 53 -2.53 -1.33 -14.95
N LYS D 54 -1.48 -1.70 -14.25
CA LYS D 54 -0.30 -2.27 -14.87
C LYS D 54 0.37 -3.24 -13.92
N PHE D 55 0.80 -4.39 -14.42
CA PHE D 55 1.58 -5.31 -13.62
C PHE D 55 3.07 -5.19 -13.97
N SER D 56 3.79 -4.44 -13.16
CA SER D 56 5.22 -4.13 -13.36
C SER D 56 6.10 -5.34 -13.15
N TYR D 63 4.06 3.61 -13.11
CA TYR D 63 3.06 4.71 -12.96
C TYR D 63 3.47 5.87 -12.01
N ALA D 64 4.58 5.72 -11.31
CA ALA D 64 5.06 6.74 -10.41
C ALA D 64 5.40 8.02 -11.16
N LYS D 65 6.07 7.91 -12.29
CA LYS D 65 6.40 9.09 -13.08
C LYS D 65 5.16 9.73 -13.67
N GLU D 66 4.27 8.91 -14.21
CA GLU D 66 3.03 9.39 -14.81
C GLU D 66 2.22 10.17 -13.79
N LYS D 67 2.12 9.63 -12.58
CA LYS D 67 1.49 10.34 -11.50
C LYS D 67 2.16 11.67 -11.15
N ALA D 68 3.50 11.67 -11.07
CA ALA D 68 4.24 12.89 -10.74
C ALA D 68 3.99 13.92 -11.81
N ILE D 69 3.82 13.49 -13.05
CA ILE D 69 3.54 14.40 -14.12
C ILE D 69 2.13 15.00 -14.06
N TYR D 70 1.10 14.19 -13.81
CA TYR D 70 -0.25 14.77 -13.64
C TYR D 70 -0.26 15.80 -12.48
N ASN D 71 0.44 15.47 -11.41
CA ASN D 71 0.45 16.28 -10.23
C ASN D 71 1.16 17.63 -10.58
N PHE D 72 2.33 17.53 -11.20
CA PHE D 72 3.05 18.70 -11.67
C PHE D 72 2.21 19.56 -12.59
N LEU D 73 1.54 18.95 -13.56
CA LEU D 73 0.77 19.72 -14.53
C LEU D 73 -0.49 20.34 -13.94
N ASN D 74 -1.19 19.63 -13.07
CA ASN D 74 -2.43 20.19 -12.48
C ASN D 74 -2.10 21.36 -11.55
N THR D 75 -0.88 21.39 -11.02
CA THR D 75 -0.38 22.54 -10.29
C THR D 75 -0.06 23.74 -11.21
N ASN D 76 0.66 23.48 -12.29
CA ASN D 76 1.33 24.56 -13.02
C ASN D 76 0.66 24.98 -14.34
N LEU D 77 -0.13 24.12 -14.96
CA LEU D 77 -0.78 24.54 -16.20
C LEU D 77 -1.94 25.49 -15.90
N GLU D 78 -2.00 26.62 -16.59
CA GLU D 78 -3.25 27.38 -16.67
C GLU D 78 -3.88 27.21 -18.05
N THR D 79 -5.00 26.49 -18.09
CA THR D 79 -5.57 26.10 -19.35
C THR D 79 -6.96 25.64 -19.08
N ASN D 80 -7.83 25.74 -20.06
CA ASN D 80 -9.16 25.13 -19.96
C ASN D 80 -9.20 23.67 -20.41
N VAL D 81 -8.13 23.20 -21.03
CA VAL D 81 -8.11 21.82 -21.51
C VAL D 81 -7.94 20.90 -20.29
N LYS D 82 -8.82 19.91 -20.18
CA LYS D 82 -8.76 19.02 -19.04
C LYS D 82 -7.73 17.94 -19.24
N ILE D 83 -7.10 17.53 -18.16
CA ILE D 83 -6.21 16.37 -18.13
C ILE D 83 -6.54 15.49 -16.92
N PRO D 84 -6.06 14.25 -16.91
CA PRO D 84 -6.34 13.43 -15.73
C PRO D 84 -5.90 14.09 -14.44
N ASN D 85 -6.75 13.97 -13.42
CA ASN D 85 -6.44 14.43 -12.09
C ASN D 85 -6.58 13.28 -11.06
N ILE D 86 -5.44 12.83 -10.56
CA ILE D 86 -5.38 11.57 -9.85
C ILE D 86 -5.99 11.67 -8.47
N GLU D 87 -7.05 10.91 -8.23
CA GLU D 87 -7.62 10.76 -6.89
C GLU D 87 -7.20 9.47 -6.17
N TYR D 88 -6.93 8.41 -6.91
CA TYR D 88 -6.54 7.13 -6.31
C TYR D 88 -5.26 6.66 -6.93
N SER D 89 -4.34 6.20 -6.11
CA SER D 89 -3.17 5.59 -6.66
C SER D 89 -2.60 4.56 -5.71
N TYR D 90 -2.10 3.47 -6.29
CA TYR D 90 -1.33 2.49 -5.56
C TYR D 90 -0.15 2.14 -6.44
N ILE D 91 1.06 2.23 -5.89
CA ILE D 91 2.25 2.04 -6.68
C ILE D 91 3.20 1.10 -5.97
N SER D 92 3.54 -0.01 -6.61
CA SER D 92 4.46 -0.98 -6.04
C SER D 92 5.25 -1.56 -7.19
N ASP D 93 6.25 -2.37 -6.88
CA ASP D 93 7.09 -2.95 -7.94
C ASP D 93 6.28 -3.83 -8.89
N GLU D 94 5.28 -4.53 -8.36
CA GLU D 94 4.60 -5.59 -9.09
C GLU D 94 3.26 -5.13 -9.65
N LEU D 95 2.73 -4.03 -9.12
CA LEU D 95 1.37 -3.60 -9.46
C LEU D 95 1.25 -2.09 -9.29
N SER D 96 0.64 -1.44 -10.29
CA SER D 96 0.33 -0.02 -10.20
C SER D 96 -1.05 0.28 -10.74
N ILE D 97 -1.73 1.13 -9.99
CA ILE D 97 -3.08 1.54 -10.30
C ILE D 97 -3.19 3.04 -10.15
N LEU D 98 -3.79 3.70 -11.14
CA LEU D 98 -4.14 5.11 -11.06
C LEU D 98 -5.61 5.30 -11.36
N GLY D 99 -6.29 6.05 -10.49
CA GLY D 99 -7.68 6.36 -10.68
C GLY D 99 -7.94 7.86 -10.77
N TYR D 100 -8.77 8.24 -11.74
CA TYR D 100 -9.15 9.62 -11.92
C TYR D 100 -10.54 9.70 -12.60
N LYS D 101 -11.24 10.82 -12.46
CA LYS D 101 -12.54 10.97 -13.09
C LYS D 101 -12.41 11.03 -14.60
N GLU D 102 -13.29 10.28 -15.27
CA GLU D 102 -13.30 10.22 -16.72
C GLU D 102 -13.45 11.63 -17.32
N ILE D 103 -12.59 11.99 -18.28
CA ILE D 103 -12.81 13.21 -19.06
C ILE D 103 -13.81 12.90 -20.16
N LYS D 104 -14.89 13.69 -20.19
CA LYS D 104 -16.01 13.44 -21.10
C LYS D 104 -15.78 14.11 -22.46
N GLY D 105 -16.06 13.39 -23.54
CA GLY D 105 -15.94 13.94 -24.87
C GLY D 105 -15.78 12.85 -25.89
N THR D 106 -15.47 13.24 -27.12
CA THR D 106 -15.29 12.32 -28.23
C THR D 106 -13.85 12.40 -28.75
N PHE D 107 -13.25 11.25 -29.03
CA PHE D 107 -11.86 11.23 -29.48
C PHE D 107 -11.77 11.68 -30.93
N LEU D 108 -10.77 12.52 -31.20
CA LEU D 108 -10.50 13.00 -32.54
C LEU D 108 -10.08 11.86 -33.47
N THR D 109 -10.63 11.81 -34.67
CA THR D 109 -10.23 10.85 -35.70
C THR D 109 -10.17 11.54 -37.02
N PRO D 110 -9.48 10.94 -37.98
CA PRO D 110 -9.52 11.46 -39.36
C PRO D 110 -10.92 11.70 -39.90
N GLU D 111 -11.83 10.76 -39.64
CA GLU D 111 -13.18 10.83 -40.15
C GLU D 111 -13.84 12.07 -39.62
N ILE D 112 -13.74 12.28 -38.32
CA ILE D 112 -14.41 13.41 -37.67
C ILE D 112 -13.83 14.75 -38.18
N TYR D 113 -12.49 14.83 -38.27
CA TYR D 113 -11.80 16.01 -38.75
C TYR D 113 -12.22 16.41 -40.16
N SER D 114 -12.40 15.42 -41.02
CA SER D 114 -12.81 15.65 -42.38
C SER D 114 -14.23 16.20 -42.47
N THR D 115 -15.05 16.01 -41.45
CA THR D 115 -16.40 16.61 -41.45
C THR D 115 -16.48 17.99 -40.76
N MET D 116 -15.39 18.45 -40.15
CA MET D 116 -15.41 19.74 -39.50
C MET D 116 -15.34 20.87 -40.56
N SER D 117 -16.03 21.96 -40.28
CA SER D 117 -15.93 23.13 -41.12
C SER D 117 -14.51 23.66 -41.06
N GLU D 118 -14.12 24.45 -42.06
CA GLU D 118 -12.77 25.01 -42.11
C GLU D 118 -12.45 25.81 -40.84
N GLU D 119 -13.44 26.54 -40.34
CA GLU D 119 -13.31 27.33 -39.12
C GLU D 119 -13.11 26.46 -37.92
N GLU D 120 -13.93 25.42 -37.78
CA GLU D 120 -13.73 24.43 -36.70
C GLU D 120 -12.34 23.82 -36.69
N GLN D 121 -11.83 23.47 -37.87
CA GLN D 121 -10.50 22.90 -37.99
C GLN D 121 -9.44 23.89 -37.53
N ASN D 122 -9.55 25.13 -37.96
CA ASN D 122 -8.59 26.17 -37.58
C ASN D 122 -8.55 26.37 -36.07
N LEU D 123 -9.73 26.38 -35.44
CA LEU D 123 -9.80 26.57 -34.00
C LEU D 123 -9.15 25.40 -33.27
N LEU D 124 -9.42 24.20 -33.76
CA LEU D 124 -8.80 23.02 -33.16
C LEU D 124 -7.27 23.09 -33.26
N LYS D 125 -6.77 23.50 -34.42
CA LYS D 125 -5.32 23.59 -34.63
C LYS D 125 -4.73 24.62 -33.70
N ARG D 126 -5.42 25.76 -33.53
CA ARG D 126 -4.96 26.81 -32.62
C ARG D 126 -5.00 26.36 -31.18
N ASP D 127 -6.03 25.58 -30.83
CA ASP D 127 -6.16 25.06 -29.49
C ASP D 127 -4.97 24.15 -29.18
N ILE D 128 -4.61 23.28 -30.13
CA ILE D 128 -3.50 22.35 -29.93
C ILE D 128 -2.16 23.09 -29.85
N ALA D 129 -1.91 23.97 -30.82
CA ALA D 129 -0.69 24.74 -30.79
C ALA D 129 -0.56 25.49 -29.46
N SER D 130 -1.64 26.07 -29.02
CA SER D 130 -1.62 26.81 -27.77
C SER D 130 -1.38 25.95 -26.53
N PHE D 131 -1.98 24.76 -26.50
CA PHE D 131 -1.72 23.84 -25.38
C PHE D 131 -0.24 23.46 -25.34
N LEU D 132 0.29 22.99 -26.47
CA LEU D 132 1.68 22.58 -26.56
C LEU D 132 2.62 23.73 -26.20
N ARG D 133 2.29 24.93 -26.65
CA ARG D 133 3.14 26.09 -26.39
C ARG D 133 3.21 26.28 -24.88
N GLN D 134 2.05 26.24 -24.23
CA GLN D 134 2.05 26.43 -22.80
C GLN D 134 2.79 25.29 -22.06
N MET D 135 2.63 24.05 -22.50
CA MET D 135 3.28 22.95 -21.80
C MET D 135 4.79 23.01 -22.00
N HIS D 136 5.20 23.17 -23.25
CA HIS D 136 6.64 23.22 -23.58
C HIS D 136 7.34 24.40 -22.94
N GLY D 137 6.56 25.42 -22.59
CA GLY D 137 7.10 26.57 -21.92
C GLY D 137 7.26 26.44 -20.42
N LEU D 138 6.93 25.32 -19.83
CA LEU D 138 6.96 25.25 -18.37
C LEU D 138 8.35 25.06 -17.82
N ASP D 139 8.60 25.73 -16.68
CA ASP D 139 9.81 25.46 -15.91
C ASP D 139 9.67 24.09 -15.29
N TYR D 140 10.52 23.17 -15.72
CA TYR D 140 10.40 21.76 -15.37
C TYR D 140 11.35 21.32 -14.25
N THR D 141 11.88 22.28 -13.50
CA THR D 141 12.86 21.99 -12.44
C THR D 141 12.34 20.95 -11.46
N ASP D 142 11.09 21.16 -11.05
CA ASP D 142 10.44 20.31 -10.05
C ASP D 142 10.23 18.85 -10.44
N ILE D 143 10.31 18.55 -11.73
CA ILE D 143 10.25 17.16 -12.22
C ILE D 143 11.46 16.83 -13.07
N SER D 144 12.61 17.39 -12.70
CA SER D 144 13.77 17.33 -13.59
C SER D 144 14.39 15.94 -13.70
N GLU D 145 14.02 15.04 -12.81
CA GLU D 145 14.45 13.63 -12.89
C GLU D 145 13.70 12.85 -13.96
N CYS D 146 12.60 13.38 -14.48
CA CYS D 146 11.81 12.70 -15.52
C CYS D 146 12.34 12.91 -16.93
N THR D 147 13.66 12.81 -17.09
CA THR D 147 14.28 13.00 -18.41
C THR D 147 14.22 11.73 -19.25
N ILE D 148 14.26 11.91 -20.55
CA ILE D 148 14.24 10.79 -21.47
C ILE D 148 15.20 11.05 -22.59
N ASP D 149 16.07 10.08 -22.82
CA ASP D 149 17.07 10.11 -23.86
C ASP D 149 16.76 9.08 -24.96
N ASN D 150 16.16 9.55 -26.03
CA ASN D 150 15.68 8.66 -27.08
C ASN D 150 16.80 7.93 -27.77
N LYS D 151 17.92 8.62 -27.90
CA LYS D 151 19.05 8.04 -28.59
C LYS D 151 19.68 6.90 -27.81
N GLN D 152 19.88 7.10 -26.52
CA GLN D 152 20.31 6.05 -25.62
C GLN D 152 19.35 4.88 -25.58
N ASN D 153 18.05 5.15 -25.54
CA ASN D 153 17.05 4.04 -25.54
C ASN D 153 17.18 3.15 -26.76
N VAL D 154 17.37 3.78 -27.90
CA VAL D 154 17.57 3.05 -29.14
C VAL D 154 18.85 2.23 -29.07
N LEU D 155 19.91 2.83 -28.54
CA LEU D 155 21.15 2.08 -28.43
C LEU D 155 20.96 0.82 -27.58
N GLU D 156 20.23 0.93 -26.48
CA GLU D 156 20.00 -0.21 -25.60
C GLU D 156 19.16 -1.29 -26.29
N GLU D 157 18.16 -0.86 -27.04
CA GLU D 157 17.39 -1.79 -27.87
C GLU D 157 18.23 -2.47 -28.96
N TYR D 158 19.15 -1.73 -29.55
CA TYR D 158 20.03 -2.30 -30.57
C TYR D 158 20.93 -3.38 -29.95
N ILE D 159 21.39 -3.15 -28.73
CA ILE D 159 22.24 -4.10 -28.07
C ILE D 159 21.50 -5.40 -27.77
N LEU D 160 20.26 -5.27 -27.34
CA LEU D 160 19.41 -6.42 -27.15
C LEU D 160 19.29 -7.25 -28.46
N LEU D 161 19.04 -6.59 -29.59
CA LEU D 161 19.02 -7.29 -30.87
C LEU D 161 20.27 -8.09 -31.12
N ARG D 162 21.42 -7.47 -30.85
CA ARG D 162 22.71 -8.10 -31.10
C ARG D 162 22.90 -9.29 -30.18
N GLU D 163 22.33 -9.20 -28.97
CA GLU D 163 22.39 -10.29 -28.01
C GLU D 163 21.43 -11.46 -28.31
N THR D 164 20.41 -11.20 -29.11
CA THR D 164 19.37 -12.17 -29.39
C THR D 164 19.38 -12.63 -30.86
N ILE D 165 18.54 -12.04 -31.70
CA ILE D 165 18.29 -12.57 -33.03
C ILE D 165 19.06 -11.96 -34.21
N TYR D 166 19.91 -10.97 -33.96
CA TYR D 166 20.55 -10.25 -35.06
C TYR D 166 21.25 -11.19 -36.04
N ASN D 167 21.94 -12.21 -35.55
CA ASN D 167 22.72 -13.05 -36.45
C ASN D 167 21.90 -13.93 -37.34
N ASP D 168 20.63 -14.11 -36.99
CA ASP D 168 19.71 -14.89 -37.82
C ASP D 168 18.92 -14.03 -38.79
N LEU D 169 19.16 -12.74 -38.83
CA LEU D 169 18.44 -11.89 -39.77
C LEU D 169 19.06 -12.00 -41.15
N THR D 170 18.30 -11.67 -42.18
CA THR D 170 18.83 -11.63 -43.54
C THR D 170 19.74 -10.43 -43.72
N ASP D 171 20.48 -10.41 -44.82
CA ASP D 171 21.36 -9.29 -45.15
C ASP D 171 20.53 -8.03 -45.38
N ILE D 172 19.42 -8.14 -46.10
CA ILE D 172 18.53 -7.01 -46.31
C ILE D 172 18.06 -6.36 -44.98
N GLU D 173 17.75 -7.20 -44.01
CA GLU D 173 17.30 -6.72 -42.69
C GLU D 173 18.45 -6.07 -41.91
N LYS D 174 19.60 -6.73 -41.90
CA LYS D 174 20.80 -6.16 -41.31
C LYS D 174 21.14 -4.81 -41.92
N ASP D 175 21.14 -4.72 -43.25
CA ASP D 175 21.44 -3.46 -43.90
C ASP D 175 20.46 -2.38 -43.46
N TYR D 176 19.18 -2.68 -43.38
CA TYR D 176 18.21 -1.68 -42.92
C TYR D 176 18.54 -1.19 -41.52
N ILE D 177 18.88 -2.12 -40.64
CA ILE D 177 19.14 -1.77 -39.25
C ILE D 177 20.42 -0.94 -39.11
N GLU D 178 21.49 -1.36 -39.79
CA GLU D 178 22.77 -0.65 -39.70
C GLU D 178 22.67 0.71 -40.34
N SER D 179 21.91 0.78 -41.42
CA SER D 179 21.72 2.03 -42.10
C SER D 179 20.97 3.02 -41.19
N PHE D 180 19.98 2.51 -40.47
CA PHE D 180 19.31 3.35 -39.49
C PHE D 180 20.25 3.84 -38.40
N MET D 181 21.09 2.96 -37.88
CA MET D 181 21.99 3.30 -36.79
C MET D 181 23.03 4.31 -37.25
N GLU D 182 23.50 4.16 -38.48
CA GLU D 182 24.40 5.15 -39.09
C GLU D 182 23.70 6.53 -39.17
N ARG D 183 22.45 6.54 -39.61
CA ARG D 183 21.65 7.76 -39.61
C ARG D 183 21.44 8.37 -38.21
N LEU D 184 21.11 7.53 -37.24
CA LEU D 184 20.94 7.98 -35.86
C LEU D 184 22.20 8.65 -35.32
N ASN D 185 23.35 8.11 -35.69
CA ASN D 185 24.61 8.63 -35.23
C ASN D 185 24.95 9.98 -35.80
N ALA D 186 24.53 10.20 -37.04
CA ALA D 186 24.88 11.42 -37.78
C ALA D 186 23.91 12.56 -37.56
N THR D 187 22.67 12.28 -37.19
CA THR D 187 21.66 13.35 -37.11
C THR D 187 21.95 14.40 -36.04
N THR D 188 21.42 15.60 -36.26
CA THR D 188 21.54 16.70 -35.35
C THR D 188 20.23 17.00 -34.65
N VAL D 189 19.19 16.21 -34.91
CA VAL D 189 17.88 16.55 -34.39
C VAL D 189 17.75 16.36 -32.87
N PHE D 190 18.76 15.80 -32.20
CA PHE D 190 18.72 15.72 -30.73
C PHE D 190 19.44 16.86 -30.03
N GLU D 191 19.93 17.84 -30.78
CA GLU D 191 20.76 18.90 -30.20
C GLU D 191 20.00 20.18 -30.00
N GLY D 192 18.68 20.11 -30.10
CA GLY D 192 17.82 21.27 -29.93
C GLY D 192 17.23 21.43 -28.54
N LYS D 193 16.17 22.23 -28.47
CA LYS D 193 15.52 22.53 -27.21
C LYS D 193 14.89 21.28 -26.60
N LYS D 194 15.12 21.15 -25.29
CA LYS D 194 14.50 20.12 -24.46
C LYS D 194 13.42 20.74 -23.61
N CYS D 195 12.31 20.04 -23.45
CA CYS D 195 11.25 20.52 -22.61
C CYS D 195 10.31 19.39 -22.25
N LEU D 196 9.36 19.68 -21.39
CA LEU D 196 8.36 18.72 -21.01
C LEU D 196 7.36 18.49 -22.16
N CYS D 197 7.31 17.25 -22.64
CA CYS D 197 6.45 16.86 -23.75
C CYS D 197 5.51 15.76 -23.32
N HIS D 198 4.35 15.76 -23.94
CA HIS D 198 3.39 14.68 -23.76
C HIS D 198 4.01 13.35 -24.21
N ASN D 199 4.61 13.41 -25.38
CA ASN D 199 5.44 12.33 -25.97
C ASN D 199 4.67 11.10 -26.47
N ASP D 200 3.38 11.25 -26.66
CA ASP D 200 2.55 10.25 -27.34
C ASP D 200 1.34 10.99 -27.91
N PHE D 201 1.62 12.11 -28.58
CA PHE D 201 0.59 13.12 -28.82
C PHE D 201 -0.11 12.84 -30.13
N SER D 202 -0.92 11.80 -30.10
CA SER D 202 -1.58 11.32 -31.28
C SER D 202 -3.05 11.64 -31.10
N CYS D 203 -3.80 11.56 -32.18
CA CYS D 203 -5.19 12.01 -32.06
C CYS D 203 -6.15 11.09 -31.25
N ASN D 204 -5.79 9.83 -31.06
CA ASN D 204 -6.52 8.99 -30.11
C ASN D 204 -6.34 9.40 -28.61
N HIS D 205 -5.57 10.44 -28.34
CA HIS D 205 -5.49 10.96 -26.97
C HIS D 205 -6.08 12.33 -26.83
N LEU D 206 -6.78 12.79 -27.87
CA LEU D 206 -7.32 14.12 -27.86
C LEU D 206 -8.81 14.05 -27.86
N LEU D 207 -9.42 14.75 -26.91
CA LEU D 207 -10.89 14.74 -26.75
C LEU D 207 -11.54 16.04 -27.21
N LEU D 208 -12.62 15.91 -27.98
CA LEU D 208 -13.45 17.01 -28.39
C LEU D 208 -14.77 17.10 -27.63
N ASP D 209 -15.25 18.33 -27.44
CA ASP D 209 -16.59 18.56 -26.89
C ASP D 209 -17.63 18.60 -28.05
N GLY D 210 -18.89 18.88 -27.72
CA GLY D 210 -19.99 18.90 -28.70
C GLY D 210 -19.91 19.94 -29.82
N ASN D 211 -19.03 20.93 -29.65
CA ASN D 211 -18.72 21.92 -30.69
C ASN D 211 -17.44 21.63 -31.48
N ASN D 212 -16.83 20.47 -31.28
CA ASN D 212 -15.58 20.07 -31.94
C ASN D 212 -14.40 20.95 -31.51
N ARG D 213 -14.48 21.48 -30.31
CA ARG D 213 -13.38 22.16 -29.71
C ARG D 213 -12.60 21.16 -28.85
N LEU D 214 -11.30 21.39 -28.70
CA LEU D 214 -10.45 20.54 -27.86
C LEU D 214 -10.84 20.70 -26.39
N THR D 215 -11.30 19.64 -25.76
CA THR D 215 -11.76 19.74 -24.38
C THR D 215 -10.91 18.98 -23.36
N GLY D 216 -10.17 17.98 -23.82
CA GLY D 216 -9.27 17.23 -22.94
C GLY D 216 -8.18 16.47 -23.64
N ILE D 217 -7.12 16.18 -22.88
CA ILE D 217 -5.98 15.39 -23.34
C ILE D 217 -5.62 14.32 -22.29
N ILE D 218 -5.33 13.10 -22.74
CA ILE D 218 -5.09 11.98 -21.84
C ILE D 218 -3.78 11.30 -22.15
N ASP D 219 -3.44 10.37 -21.27
CA ASP D 219 -2.28 9.49 -21.43
C ASP D 219 -0.97 10.27 -21.58
N PHE D 220 -0.57 10.87 -20.45
CA PHE D 220 0.75 11.47 -20.30
C PHE D 220 1.70 10.43 -19.71
N GLY D 221 1.41 9.16 -19.94
CA GLY D 221 2.25 8.05 -19.46
C GLY D 221 3.60 7.87 -20.09
N ASP D 222 3.89 8.51 -21.22
CA ASP D 222 5.24 8.48 -21.79
C ASP D 222 5.87 9.87 -21.70
N SER D 223 5.23 10.80 -21.02
CA SER D 223 5.73 12.14 -20.88
C SER D 223 7.04 12.24 -20.17
N GLY D 224 7.81 13.26 -20.56
CA GLY D 224 9.05 13.54 -19.89
C GLY D 224 9.74 14.71 -20.51
N ILE D 225 10.92 15.01 -20.01
CA ILE D 225 11.71 16.07 -20.52
C ILE D 225 12.53 15.47 -21.65
N ILE D 226 12.29 16.00 -22.84
CA ILE D 226 12.75 15.39 -24.06
C ILE D 226 12.77 16.48 -25.16
N ASP D 227 13.21 16.12 -26.36
CA ASP D 227 13.22 17.11 -27.47
C ASP D 227 11.82 17.68 -27.79
N GLU D 228 11.74 19.00 -27.86
CA GLU D 228 10.56 19.71 -28.30
C GLU D 228 9.92 19.10 -29.55
N TYR D 229 10.75 18.66 -30.49
CA TYR D 229 10.22 18.03 -31.72
C TYR D 229 9.27 16.81 -31.48
N CYS D 230 9.43 16.14 -30.34
CA CYS D 230 8.69 14.90 -30.03
C CYS D 230 7.20 15.05 -30.12
N ASP D 231 6.65 16.18 -29.65
CA ASP D 231 5.22 16.32 -29.63
C ASP D 231 4.60 16.59 -31.00
N PHE D 232 5.39 16.62 -32.08
CA PHE D 232 4.84 16.79 -33.42
C PHE D 232 4.97 15.55 -34.29
N ILE D 233 5.51 14.47 -33.73
CA ILE D 233 5.74 13.24 -34.47
C ILE D 233 4.49 12.64 -35.09
N TYR D 234 3.38 12.66 -34.34
CA TYR D 234 2.14 12.02 -34.81
C TYR D 234 1.25 13.01 -35.52
N LEU D 235 1.34 14.27 -35.09
CA LEU D 235 0.73 15.35 -35.88
C LEU D 235 1.29 15.37 -37.31
N LEU D 236 2.56 15.03 -37.50
CA LEU D 236 3.15 15.00 -38.86
C LEU D 236 3.02 13.67 -39.60
N GLU D 237 2.47 12.67 -38.94
CA GLU D 237 2.41 11.34 -39.52
C GLU D 237 1.35 11.21 -40.62
N ASP D 238 1.75 10.48 -41.66
CA ASP D 238 0.86 10.07 -42.74
C ASP D 238 0.46 8.59 -42.52
N SER D 239 -0.77 8.35 -42.09
CA SER D 239 -1.25 6.96 -41.82
C SER D 239 -2.76 6.93 -41.61
N GLU D 240 -3.35 5.73 -41.59
CA GLU D 240 -4.79 5.60 -41.38
C GLU D 240 -5.24 6.15 -40.03
N GLU D 241 -4.41 5.99 -39.00
CA GLU D 241 -4.74 6.42 -37.64
C GLU D 241 -4.66 7.93 -37.41
N GLU D 242 -3.85 8.64 -38.20
CA GLU D 242 -3.62 10.06 -37.95
C GLU D 242 -4.20 10.89 -39.08
N ILE D 243 -4.24 12.20 -38.86
CA ILE D 243 -4.92 13.09 -39.75
C ILE D 243 -4.12 13.33 -41.02
N GLY D 244 -2.85 13.68 -40.89
CA GLY D 244 -2.00 13.88 -42.06
C GLY D 244 -0.89 14.89 -41.85
N THR D 245 0.12 14.81 -42.70
CA THR D 245 1.25 15.76 -42.67
C THR D 245 0.85 17.23 -42.65
N ASN D 246 -0.17 17.61 -43.41
CA ASN D 246 -0.59 19.02 -43.50
C ASN D 246 -1.13 19.60 -42.20
N PHE D 247 -1.83 18.76 -41.49
CA PHE D 247 -2.35 19.07 -40.15
C PHE D 247 -1.21 19.48 -39.22
N GLY D 248 -0.17 18.66 -39.20
CA GLY D 248 0.99 18.94 -38.37
C GLY D 248 1.82 20.14 -38.81
N GLU D 249 1.93 20.30 -40.11
CA GLU D 249 2.59 21.46 -40.67
C GLU D 249 1.91 22.76 -40.24
N ASP D 250 0.61 22.80 -40.36
CA ASP D 250 -0.13 23.99 -40.01
C ASP D 250 0.00 24.31 -38.53
N ILE D 251 -0.04 23.26 -37.73
CA ILE D 251 0.06 23.41 -36.30
C ILE D 251 1.44 23.97 -35.98
N LEU D 252 2.47 23.46 -36.62
CA LEU D 252 3.83 23.95 -36.41
C LEU D 252 3.89 25.42 -36.76
N ARG D 253 3.25 25.83 -37.83
CA ARG D 253 3.22 27.23 -38.16
C ARG D 253 2.55 28.07 -37.09
N MET D 254 1.43 27.61 -36.58
CA MET D 254 0.73 28.32 -35.50
C MET D 254 1.55 28.33 -34.24
N TYR D 255 2.23 27.23 -33.97
CA TYR D 255 3.03 27.12 -32.78
C TYR D 255 4.21 28.11 -32.85
N GLY D 256 4.84 28.21 -34.02
CA GLY D 256 5.92 29.16 -34.27
C GLY D 256 7.25 28.82 -33.63
N ASN D 257 8.30 29.47 -34.12
CA ASN D 257 9.63 29.41 -33.51
C ASN D 257 10.11 27.99 -33.38
N ILE D 258 10.05 27.28 -34.49
CA ILE D 258 10.52 25.94 -34.52
C ILE D 258 10.85 25.58 -35.96
N ASP D 259 11.98 24.91 -36.13
CA ASP D 259 12.45 24.48 -37.41
C ASP D 259 11.60 23.29 -37.93
N ILE D 260 10.72 23.58 -38.88
CA ILE D 260 9.76 22.61 -39.41
C ILE D 260 10.47 21.43 -40.09
N GLU D 261 11.59 21.70 -40.77
CA GLU D 261 12.30 20.66 -41.52
C GLU D 261 12.96 19.67 -40.57
N LYS D 262 13.45 20.19 -39.45
CA LYS D 262 13.99 19.34 -38.40
C LYS D 262 12.92 18.54 -37.67
N ALA D 263 11.77 19.15 -37.42
CA ALA D 263 10.68 18.42 -36.85
C ALA D 263 10.34 17.24 -37.75
N LYS D 264 10.37 17.47 -39.05
CA LYS D 264 10.09 16.41 -40.00
C LYS D 264 11.19 15.41 -40.06
N GLU D 265 12.44 15.85 -39.95
CA GLU D 265 13.55 14.93 -39.91
C GLU D 265 13.39 14.02 -38.68
N TYR D 266 13.07 14.59 -37.52
CA TYR D 266 12.83 13.84 -36.31
C TYR D 266 11.74 12.78 -36.55
N GLN D 267 10.64 13.22 -37.10
CA GLN D 267 9.53 12.34 -37.33
C GLN D 267 9.93 11.22 -38.31
N ASP D 268 10.70 11.58 -39.34
CA ASP D 268 11.08 10.63 -40.36
C ASP D 268 11.99 9.54 -39.78
N ILE D 269 12.84 9.95 -38.86
CA ILE D 269 13.76 9.04 -38.19
C ILE D 269 12.98 8.06 -37.31
N VAL D 270 12.04 8.57 -36.54
CA VAL D 270 11.17 7.75 -35.71
C VAL D 270 10.36 6.79 -36.59
N GLU D 271 9.86 7.26 -37.73
CA GLU D 271 9.15 6.40 -38.68
C GLU D 271 10.10 5.33 -39.21
N GLU D 272 11.33 5.68 -39.52
CA GLU D 272 12.30 4.69 -40.01
C GLU D 272 12.52 3.62 -38.95
N TYR D 273 12.47 4.01 -37.68
CA TYR D 273 12.72 3.10 -36.58
C TYR D 273 11.57 2.13 -36.28
N TYR D 274 10.36 2.45 -36.73
CA TYR D 274 9.17 1.73 -36.35
C TYR D 274 9.26 0.18 -36.50
N PRO D 275 9.72 -0.32 -37.65
CA PRO D 275 9.87 -1.76 -37.80
C PRO D 275 10.84 -2.40 -36.83
N ILE D 276 11.88 -1.68 -36.47
CA ILE D 276 12.90 -2.23 -35.56
C ILE D 276 12.30 -2.24 -34.17
N GLU D 277 11.60 -1.17 -33.81
CA GLU D 277 10.87 -1.10 -32.55
C GLU D 277 9.87 -2.25 -32.43
N THR D 278 9.20 -2.54 -33.54
CA THR D 278 8.22 -3.59 -33.61
C THR D 278 8.91 -4.93 -33.30
N ILE D 279 10.06 -5.16 -33.92
CA ILE D 279 10.81 -6.39 -33.71
C ILE D 279 11.27 -6.54 -32.27
N VAL D 280 11.78 -5.44 -31.72
CA VAL D 280 12.30 -5.42 -30.37
C VAL D 280 11.20 -5.72 -29.37
N TYR D 281 9.99 -5.21 -29.63
CA TYR D 281 8.84 -5.48 -28.77
C TYR D 281 8.54 -6.98 -28.76
N GLY D 282 8.58 -7.58 -29.94
CA GLY D 282 8.40 -9.01 -30.08
C GLY D 282 9.42 -9.83 -29.29
N ILE D 283 10.67 -9.40 -29.31
CA ILE D 283 11.72 -10.08 -28.56
C ILE D 283 11.49 -9.96 -27.07
N LYS D 284 11.31 -8.73 -26.61
CA LYS D 284 11.16 -8.44 -25.18
C LYS D 284 9.97 -9.16 -24.53
N ASN D 285 8.88 -9.30 -25.29
CA ASN D 285 7.63 -9.85 -24.77
C ASN D 285 7.37 -11.26 -25.32
N ILE D 286 8.36 -11.81 -26.00
CA ILE D 286 8.27 -13.17 -26.54
C ILE D 286 7.02 -13.31 -27.39
N LYS D 287 6.89 -12.47 -28.41
CA LYS D 287 5.75 -12.55 -29.33
C LYS D 287 6.22 -12.57 -30.78
N GLN D 288 6.39 -13.77 -31.31
CA GLN D 288 6.88 -13.99 -32.66
C GLN D 288 6.16 -13.15 -33.71
N GLU D 289 4.85 -13.00 -33.54
CA GLU D 289 4.01 -12.24 -34.46
C GLU D 289 4.61 -10.87 -34.77
N PHE D 290 5.09 -10.17 -33.73
CA PHE D 290 5.67 -8.85 -33.91
C PHE D 290 7.04 -8.91 -34.56
N ILE D 291 7.82 -9.91 -34.20
CA ILE D 291 9.11 -10.09 -34.84
C ILE D 291 8.86 -10.23 -36.33
N GLU D 292 7.92 -11.08 -36.73
CA GLU D 292 7.69 -11.28 -38.16
C GLU D 292 7.08 -10.04 -38.84
N ASN D 293 6.13 -9.36 -38.19
CA ASN D 293 5.57 -8.13 -38.78
C ASN D 293 6.64 -7.09 -39.07
N GLY D 294 7.54 -6.88 -38.11
CA GLY D 294 8.58 -5.89 -38.25
C GLY D 294 9.52 -6.24 -39.38
N ARG D 295 9.92 -7.50 -39.45
CA ARG D 295 10.81 -7.96 -40.50
C ARG D 295 10.18 -7.81 -41.87
N LYS D 296 8.88 -8.10 -41.97
CA LYS D 296 8.17 -7.98 -43.24
C LYS D 296 8.04 -6.53 -43.65
N GLU D 297 7.84 -5.63 -42.69
CA GLU D 297 7.72 -4.19 -42.97
C GLU D 297 9.04 -3.63 -43.54
N ILE D 298 10.15 -4.21 -43.11
CA ILE D 298 11.45 -3.85 -43.65
C ILE D 298 11.53 -4.17 -45.14
N TYR D 299 11.10 -5.37 -45.53
CA TYR D 299 11.03 -5.72 -46.96
C TYR D 299 10.12 -4.78 -47.71
N LYS D 300 8.99 -4.41 -47.11
CA LYS D 300 8.09 -3.49 -47.80
C LYS D 300 8.74 -2.12 -48.02
N ARG D 301 9.40 -1.62 -46.99
CA ARG D 301 10.05 -0.31 -47.07
C ARG D 301 11.26 -0.32 -48.02
N THR D 302 12.04 -1.40 -48.01
CA THR D 302 13.17 -1.56 -48.93
C THR D 302 12.76 -1.56 -50.41
N TYR D 303 11.54 -2.01 -50.71
CA TYR D 303 11.09 -2.05 -52.10
C TYR D 303 10.13 -0.85 -52.38
N LYS D 304 9.07 -0.71 -51.59
CA LYS D 304 8.14 0.45 -51.66
C LYS D 304 8.71 1.62 -50.87
PG GNP E . 0.60 -2.85 19.09
O1G GNP E . 1.03 -2.65 17.71
O2G GNP E . 1.77 -3.67 19.98
O3G GNP E . -0.90 -3.62 19.19
N3B GNP E . 0.38 -1.40 19.82
PB GNP E . -0.37 -1.17 21.25
O1B GNP E . -0.22 -2.35 22.09
O2B GNP E . 0.25 0.02 22.12
O3A GNP E . -1.78 -0.77 20.82
PA GNP E . -3.20 -0.66 21.54
O1A GNP E . -4.16 -1.20 20.54
O2A GNP E . -3.11 -1.36 22.88
O5' GNP E . -3.54 0.94 21.86
C5' GNP E . -2.53 1.62 22.66
C4' GNP E . -3.27 2.36 23.73
O4' GNP E . -4.20 3.24 23.06
C3' GNP E . -4.16 1.50 24.60
O3' GNP E . -3.49 1.17 25.80
C2' GNP E . -5.22 2.49 25.03
O2' GNP E . -4.62 3.44 25.88
C1' GNP E . -5.42 3.29 23.78
N9 GNP E . -6.52 2.84 22.92
C8 GNP E . -6.54 2.26 21.66
N7 GNP E . -7.75 2.20 21.13
C5 GNP E . -8.57 2.73 22.11
C6 GNP E . -9.95 2.89 22.15
O6 GNP E . -10.75 2.52 21.30
N1 GNP E . -10.38 3.54 23.31
C2 GNP E . -9.55 3.97 24.30
N2 GNP E . -10.11 4.57 25.37
N3 GNP E . -8.22 3.78 24.29
C4 GNP E . -7.82 3.15 23.19
C1 NMY F . 4.31 -10.00 31.11
O1 NMY F . 2.91 -9.95 31.00
C2 NMY F . 4.74 -11.19 31.96
N2 NMY F . 4.20 -12.44 31.43
C3 NMY F . 4.33 -10.96 33.42
O3 NMY F . 4.87 -11.98 34.24
C4 NMY F . 4.84 -9.62 33.92
O4 NMY F . 4.31 -9.38 35.22
C5 NMY F . 4.38 -8.52 32.98
O5 NMY F . 4.83 -8.81 31.65
C6 NMY F . 4.95 -7.18 33.36
C7 NMY F . 0.11 -8.54 28.40
N7 NMY F . -0.87 -7.92 27.49
C12 NMY F . 1.51 -8.46 27.82
C11 NMY F . 2.37 -9.37 28.72
O11 NMY F . 3.71 -9.19 28.25
C10 NMY F . 2.30 -8.94 30.19
C9 NMY F . 0.86 -8.80 30.71
N9 NMY F . 0.77 -8.30 32.09
C8 NMY F . 0.06 -7.88 29.78
C13 NMY F . 4.50 -10.31 27.84
C14 NMY F . 4.05 -10.79 26.47
C15 NMY F . 4.52 -9.64 25.59
C16 NMY F . 5.84 -9.22 26.24
O16 NMY F . 5.78 -9.77 27.58
C17 NMY F . 6.07 -7.72 26.33
C21 NMY F . 3.73 -9.29 20.86
C20 NMY F . 4.51 -10.55 21.24
C19 NMY F . 3.78 -11.32 22.34
C18 NMY F . 3.49 -10.41 23.53
O18 NMY F . 4.68 -10.14 24.25
C22 NMY F . 3.44 -8.43 22.09
O22 NMY F . 2.82 -9.22 23.14
C23 NMY F . 4.67 -7.72 22.63
N6 NMY F . 5.53 -6.48 32.20
O14 NMY F . 4.78 -11.95 26.09
O20 NMY F . 4.68 -11.39 20.10
O21 NMY F . 4.46 -8.52 19.92
O17 NMY F . 5.65 -7.18 27.57
O12 NMY F . 1.84 -8.83 26.48
N19 NMY F . 4.38 -6.28 22.86
N23 NMY F . 4.56 -12.51 22.71
MG MG G . -2.05 -3.05 23.34
MG MG H . -1.18 -4.79 20.56
PG GNP I . 17.31 28.69 14.48
PG GNP I . 15.12 27.58 11.37
O1G GNP I . 18.70 29.05 14.70
O1G GNP I . 14.13 26.95 10.49
O2G GNP I . 16.74 29.75 13.42
O2G GNP I . 14.45 28.62 12.43
O3G GNP I . 16.54 28.77 15.89
O3G GNP I . 16.20 28.37 10.50
N3B GNP I . 17.08 27.17 13.90
N3B GNP I . 15.92 26.42 12.21
PB GNP I . 17.14 26.62 12.36
PB GNP I . 17.32 26.56 13.03
O1B GNP I . 15.97 25.84 11.99
O1B GNP I . 17.59 27.95 13.36
O2B GNP I . 17.14 27.87 11.34
O2B GNP I . 17.33 25.84 14.42
O3A GNP I . 18.45 25.73 12.19
O3A GNP I . 18.43 25.84 12.13
PA GNP I . 20.00 25.95 11.84
O1A GNP I . 20.19 26.15 10.39
O2A GNP I . 20.67 26.93 12.83
O5' GNP I . 20.63 24.57 12.27
C5' GNP I . 20.29 24.11 13.57
C4' GNP I . 21.56 23.53 14.13
O4' GNP I . 22.05 22.51 13.24
C3' GNP I . 22.73 24.49 14.26
O3' GNP I . 22.60 25.28 15.42
C2' GNP I . 23.88 23.50 14.37
O2' GNP I . 23.90 22.96 15.68
C1' GNP I . 23.46 22.43 13.35
N9 GNP I . 24.04 22.62 11.99
C8 GNP I . 23.40 23.08 10.87
N7 GNP I . 24.17 23.11 9.80
C5 GNP I . 25.40 22.65 10.26
C6 GNP I . 26.66 22.59 9.60
O6 GNP I . 26.86 22.70 8.39
N1 GNP I . 27.69 22.27 10.46
C2 GNP I . 27.54 21.98 11.78
N2 GNP I . 28.65 21.64 12.44
N3 GNP I . 26.37 22.00 12.42
C4 GNP I . 25.34 22.36 11.60
C1 NMY J . 17.99 37.11 22.05
O1 NMY J . 19.10 36.93 21.19
C2 NMY J . 18.06 38.38 22.88
N2 NMY J . 18.35 39.53 22.01
C3 NMY J . 19.09 38.27 23.99
O3 NMY J . 19.02 39.38 24.87
C4 NMY J . 18.88 37.01 24.81
O4 NMY J . 19.98 36.88 25.69
C5 NMY J . 18.77 35.78 23.89
O5 NMY J . 17.77 35.99 22.88
C6 NMY J . 18.33 34.56 24.67
C7 NMY J . 19.91 35.01 17.62
N7 NMY J . 20.19 34.18 16.44
C12 NMY J . 18.45 34.88 18.04
C11 NMY J . 18.19 35.95 19.10
O11 NMY J . 16.83 35.73 19.55
C10 NMY J . 19.15 35.82 20.29
C9 NMY J . 20.62 35.77 19.84
N9 NMY J . 21.56 35.60 20.95
C8 NMY J . 20.83 34.66 18.79
C13 NMY J . 15.86 36.76 19.47
C14 NMY J . 15.48 36.99 18.01
C15 NMY J . 14.63 35.75 17.72
C16 NMY J . 13.81 35.63 19.01
O16 NMY J . 14.67 36.21 20.02
C17 NMY J . 13.40 34.24 19.43
C21 NMY J . 12.83 34.37 13.43
C20 NMY J . 12.34 35.77 13.84
C19 NMY J . 13.52 36.62 14.31
C18 NMY J . 14.41 35.89 15.32
O18 NMY J . 13.79 35.93 16.58
C22 NMY J . 13.61 33.72 14.57
O22 NMY J . 14.72 34.55 14.94
C23 NMY J . 12.76 33.44 15.79
N6 NMY J . 17.74 33.55 23.76
O14 NMY J . 14.74 38.20 17.91
O20 NMY J . 11.69 36.41 12.76
O21 NMY J . 11.73 33.54 13.07
O17 NMY J . 12.02 33.99 19.22
O12 NMY J . 17.36 34.91 17.13
N19 NMY J . 11.58 32.60 15.50
N23 NMY J . 12.99 37.87 14.88
MG MG K . 20.07 28.53 13.57
MG MG L . 17.39 29.79 11.67
C1 GOL M . 23.28 8.47 -1.69
O1 GOL M . 22.31 7.41 -1.75
C2 GOL M . 23.36 8.87 -0.22
O2 GOL M . 23.07 7.66 0.54
C3 GOL M . 24.70 9.59 0.13
O3 GOL M . 24.86 9.83 1.57
PG GNP N . -15.08 -26.01 -9.50
O1G GNP N . -14.75 -25.15 -8.36
O2G GNP N . -16.65 -25.87 -9.83
O3G GNP N . -14.75 -27.51 -9.23
N3B GNP N . -14.25 -25.69 -10.87
PB GNP N . -13.70 -26.78 -11.94
O1B GNP N . -14.68 -27.81 -12.24
O2B GNP N . -13.42 -26.11 -13.27
O3A GNP N . -12.33 -27.40 -11.43
PA GNP N . -11.56 -28.77 -11.73
O1A GNP N . -11.13 -29.35 -10.43
O2A GNP N . -12.47 -29.67 -12.52
O5' GNP N . -10.38 -28.40 -12.71
C5' GNP N . -10.68 -27.72 -13.94
C4' GNP N . -9.76 -28.32 -14.97
O4' GNP N . -8.41 -28.18 -14.48
C3' GNP N . -9.90 -29.82 -15.24
O3' GNP N . -10.91 -30.19 -16.17
C2' GNP N . -8.52 -30.15 -15.81
O2' GNP N . -8.33 -29.78 -17.17
C1' GNP N . -7.61 -29.27 -14.96
N9 GNP N . -7.00 -29.95 -13.82
C8 GNP N . -7.21 -29.76 -12.48
N7 GNP N . -6.42 -30.48 -11.72
C5 GNP N . -5.64 -31.20 -12.62
C6 GNP N . -4.62 -32.14 -12.42
O6 GNP N . -4.21 -32.60 -11.35
N1 GNP N . -4.10 -32.62 -13.60
C2 GNP N . -4.51 -32.24 -14.85
N2 GNP N . -3.98 -32.90 -15.86
N3 GNP N . -5.45 -31.34 -15.06
C4 GNP N . -5.99 -30.87 -13.91
C1 NMY O . -24.94 -33.13 -18.91
O1 NMY O . -24.09 -33.73 -17.95
C2 NMY O . -26.32 -33.02 -18.25
N2 NMY O . -26.57 -34.15 -17.34
C3 NMY O . -27.47 -32.86 -19.25
O3 NMY O . -28.24 -31.71 -18.96
C4 NMY O . -26.91 -32.74 -20.66
O4 NMY O . -27.99 -32.71 -21.59
C5 NMY O . -26.04 -33.95 -20.92
O5 NMY O . -24.85 -33.89 -20.10
C6 NMY O . -25.62 -34.04 -22.37
C7 NMY O . -20.32 -33.94 -16.16
N7 NMY O . -18.96 -33.62 -15.70
C12 NMY O . -21.33 -32.91 -15.62
C11 NMY O . -22.72 -32.85 -16.24
O11 NMY O . -23.13 -31.49 -16.07
C10 NMY O . -22.76 -33.22 -17.72
C9 NMY O . -21.82 -34.38 -18.04
N9 NMY O . -21.92 -34.79 -19.45
C8 NMY O . -20.39 -34.00 -17.68
C13 NMY O . -24.48 -31.24 -15.80
C14 NMY O . -24.74 -31.43 -14.32
C15 NMY O . -24.08 -30.19 -13.73
C16 NMY O . -24.35 -29.12 -14.79
O16 NMY O . -24.62 -29.84 -16.01
C17 NMY O . -23.23 -28.15 -15.03
C21 NMY O . -25.27 -31.97 -9.14
C20 NMY O . -24.88 -30.52 -8.95
C19 NMY O . -25.15 -29.72 -10.22
C18 NMY O . -25.01 -30.59 -11.46
O18 NMY O . -24.63 -29.70 -12.49
C22 NMY O . -24.53 -32.61 -10.32
O22 NMY O . -24.04 -31.59 -11.20
C23 NMY O . -23.34 -33.44 -9.87
N6 NMY O . -24.49 -34.93 -22.51
O14 NMY O . -26.14 -31.42 -14.08
O20 NMY O . -25.62 -29.98 -7.86
O21 NMY O . -24.97 -32.69 -7.95
O17 NMY O . -23.43 -27.39 -16.21
O12 NMY O . -21.16 -32.46 -14.27
N19 NMY O . -22.43 -32.61 -9.10
N23 NMY O . -24.21 -28.58 -10.27
MG MG P . -14.19 -29.96 -12.95
MG MG Q . -16.06 -28.96 -9.30
PG GNP R . -1.31 3.47 -24.64
O1G GNP R . -0.08 3.90 -23.98
O2G GNP R . -0.88 2.31 -25.66
O3G GNP R . -1.99 4.72 -25.53
N3B GNP R . -2.38 3.01 -23.50
PB GNP R . -2.40 3.35 -21.90
O1B GNP R . -1.77 2.29 -21.13
O2B GNP R . -1.32 4.52 -21.56
O3A GNP R . -3.78 3.97 -21.55
PA GNP R . -4.50 5.38 -21.77
O1A GNP R . -4.29 6.40 -20.71
O2A GNP R . -4.32 5.81 -23.20
O5' GNP R . -6.01 4.80 -21.57
C5' GNP R . -6.42 3.78 -22.50
C4' GNP R . -7.75 4.18 -23.09
O4' GNP R . -8.68 4.49 -22.03
C3' GNP R . -7.76 5.43 -23.97
O3' GNP R . -7.34 5.13 -25.28
C2' GNP R . -9.24 5.82 -23.92
O2' GNP R . -10.02 5.04 -24.81
C1' GNP R . -9.58 5.49 -22.46
N9 GNP R . -9.44 6.62 -21.56
C8 GNP R . -8.49 6.81 -20.58
N7 GNP R . -8.68 7.89 -19.86
C5 GNP R . -9.83 8.44 -20.41
C6 GNP R . -10.53 9.59 -20.04
O6 GNP R . -10.24 10.34 -19.13
N1 GNP R . -11.65 9.81 -20.84
C2 GNP R . -12.04 9.01 -21.87
N2 GNP R . -13.12 9.38 -22.56
N3 GNP R . -11.38 7.89 -22.22
C4 GNP R . -10.30 7.67 -21.45
C1 NMY S . 2.80 3.82 -35.44
O1 NMY S . 2.10 4.96 -34.95
C2 NMY S . 3.57 4.10 -36.73
N2 NMY S . 4.43 5.28 -36.58
C3 NMY S . 2.63 4.20 -37.94
O3 NMY S . 3.38 4.25 -39.15
C4 NMY S . 1.67 3.01 -38.00
O4 NMY S . 0.66 3.22 -38.98
C5 NMY S . 0.97 2.82 -36.65
O5 NMY S . 1.94 2.71 -35.58
C6 NMY S . 0.17 1.55 -36.60
C7 NMY S . 0.55 6.57 -31.35
N7 NMY S . -0.18 6.80 -30.09
C12 NMY S . 1.58 5.43 -31.23
C11 NMY S . 2.29 4.98 -32.52
O11 NMY S . 2.88 3.71 -32.25
C10 NMY S . 1.35 4.94 -33.73
C9 NMY S . 0.47 6.21 -33.79
N9 NMY S . -0.34 6.30 -35.01
C8 NMY S . -0.39 6.33 -32.54
C13 NMY S . 4.28 3.58 -32.44
C14 NMY S . 4.96 4.15 -31.20
C15 NMY S . 4.65 3.06 -30.18
C16 NMY S . 4.67 1.78 -31.02
O16 NMY S . 4.61 2.21 -32.39
C17 NMY S . 3.53 0.83 -30.75
C21 NMY S . 5.52 2.77 -25.39
C20 NMY S . 6.69 2.73 -26.34
C19 NMY S . 6.68 3.98 -27.21
C18 NMY S . 5.46 3.94 -28.11
O18 NMY S . 5.69 3.09 -29.21
C22 NMY S . 4.27 3.39 -26.05
O22 NMY S . 4.33 3.36 -27.49
C23 NMY S . 3.00 2.66 -25.68
N6 NMY S . -0.03 1.22 -35.20
O14 NMY S . 6.37 4.29 -31.37
O20 NMY S . 7.92 2.67 -25.63
O21 NMY S . 5.25 1.49 -24.81
O17 NMY S . 3.98 -0.40 -30.23
O12 NMY S . 2.24 5.29 -29.97
N19 NMY S . 2.07 3.68 -25.17
N23 NMY S . 7.94 4.08 -27.96
MG MG T . -3.19 5.57 -24.57
MG MG U . 0.32 5.38 -22.57
#